data_1S9P
#
_entry.id   1S9P
#
_cell.length_a   71.999
_cell.length_b   77.460
_cell.length_c   95.773
_cell.angle_alpha   90.00
_cell.angle_beta   97.55
_cell.angle_gamma   90.00
#
_symmetry.space_group_name_H-M   'P 1 21 1'
#
loop_
_entity.id
_entity.type
_entity.pdbx_description
1 polymer 'Estrogen-related receptor gamma'
2 non-polymer DIETHYLSTILBESTROL
3 water water
#
_entity_poly.entity_id   1
_entity_poly.type   'polypeptide(L)'
_entity_poly.pdbx_seq_one_letter_code
;KPYNKIVSHLLVAEPEKIYAMPDPTVPDSDIKALTTLCDLADRELVVIIGWAKHIPGFSTLSLADQMSLLQSAWMEILIL
GVVYRSLSFEDELVYADDYIMDEDQSKLAGLLDLNNAILQLVKKYKSMKLEKEEFVTLKAIALANSDSMHIEDVEAVQKL
QDVLHEALQDYEAGQHMEDPRRAGKMLMTLPLLRQTSTKAVQHFYNIKLEGKVPMHKLFLEMLEAKV
;
_entity_poly.pdbx_strand_id   A,B,C,D
#
# COMPACT_ATOMS: atom_id res chain seq x y z
N PRO A 2 -9.17 16.93 17.55
CA PRO A 2 -8.05 16.58 16.64
C PRO A 2 -7.26 15.40 17.18
N TYR A 3 -7.25 14.29 16.45
CA TYR A 3 -6.47 13.14 16.88
C TYR A 3 -5.67 12.52 15.75
N ASN A 4 -4.85 11.54 16.13
CA ASN A 4 -3.92 10.81 15.23
C ASN A 4 -4.29 10.76 13.75
N LYS A 5 -3.32 11.12 12.91
CA LYS A 5 -3.52 11.09 11.47
C LYS A 5 -3.51 9.66 10.92
N ILE A 6 -2.65 8.81 11.48
CA ILE A 6 -2.58 7.42 11.04
C ILE A 6 -3.95 6.78 11.25
N VAL A 7 -4.48 6.96 12.46
CA VAL A 7 -5.78 6.41 12.81
C VAL A 7 -6.88 6.90 11.86
N SER A 8 -6.98 8.22 11.66
CA SER A 8 -8.01 8.75 10.76
C SER A 8 -7.84 8.18 9.36
N HIS A 9 -6.60 8.09 8.91
CA HIS A 9 -6.32 7.54 7.59
C HIS A 9 -6.80 6.08 7.53
N LEU A 10 -6.49 5.31 8.57
CA LEU A 10 -6.92 3.90 8.61
C LEU A 10 -8.44 3.79 8.55
N LEU A 11 -9.15 4.74 9.15
CA LEU A 11 -10.62 4.71 9.11
C LEU A 11 -11.08 4.92 7.68
N VAL A 12 -10.38 5.80 6.98
CA VAL A 12 -10.70 6.12 5.59
C VAL A 12 -10.35 4.99 4.64
N ALA A 13 -9.34 4.20 5.00
CA ALA A 13 -8.91 3.09 4.16
C ALA A 13 -9.74 1.81 4.31
N GLU A 14 -10.71 1.82 5.23
CA GLU A 14 -11.56 0.65 5.47
C GLU A 14 -12.32 0.21 4.21
N PRO A 15 -12.30 -1.10 3.90
CA PRO A 15 -12.99 -1.62 2.71
C PRO A 15 -14.50 -1.47 2.82
N GLU A 16 -15.17 -1.30 1.68
CA GLU A 16 -16.63 -1.21 1.69
C GLU A 16 -17.18 -2.58 2.04
N LYS A 17 -18.44 -2.63 2.44
CA LYS A 17 -19.07 -3.88 2.82
C LYS A 17 -18.95 -4.95 1.75
N ILE A 18 -18.82 -6.20 2.21
CA ILE A 18 -18.72 -7.35 1.32
C ILE A 18 -19.82 -8.32 1.72
N TYR A 19 -20.50 -8.87 0.72
CA TYR A 19 -21.61 -9.78 0.97
C TYR A 19 -21.29 -11.24 0.68
N ALA A 20 -21.89 -12.13 1.47
CA ALA A 20 -21.66 -13.57 1.33
C ALA A 20 -22.41 -14.15 0.15
N MET A 21 -23.61 -13.62 -0.11
CA MET A 21 -24.43 -14.06 -1.23
C MET A 21 -24.71 -15.56 -1.28
N PRO A 22 -25.28 -16.12 -0.21
CA PRO A 22 -25.58 -17.56 -0.19
C PRO A 22 -26.62 -17.89 -1.28
N ASP A 23 -26.42 -19.00 -1.99
CA ASP A 23 -27.34 -19.37 -3.06
C ASP A 23 -28.64 -19.94 -2.52
N PRO A 24 -29.77 -19.26 -2.77
CA PRO A 24 -31.10 -19.70 -2.31
C PRO A 24 -31.48 -21.04 -2.94
N THR A 25 -31.20 -21.17 -4.23
CA THR A 25 -31.51 -22.37 -5.00
C THR A 25 -30.94 -23.64 -4.39
N VAL A 26 -29.80 -23.51 -3.70
CA VAL A 26 -29.16 -24.67 -3.07
C VAL A 26 -29.60 -24.78 -1.60
N PRO A 27 -30.19 -25.92 -1.23
CA PRO A 27 -30.69 -26.22 0.12
C PRO A 27 -29.64 -26.21 1.22
N ASP A 28 -30.01 -25.64 2.37
CA ASP A 28 -29.14 -25.56 3.52
C ASP A 28 -28.46 -26.89 3.81
N SER A 29 -27.18 -26.82 4.17
CA SER A 29 -26.36 -28.00 4.47
C SER A 29 -24.97 -27.51 4.85
N ASP A 30 -24.25 -28.29 5.65
CA ASP A 30 -22.92 -27.88 6.06
C ASP A 30 -22.03 -27.56 4.85
N ILE A 31 -22.12 -28.36 3.79
CA ILE A 31 -21.30 -28.13 2.61
C ILE A 31 -21.65 -26.76 2.03
N LYS A 32 -22.91 -26.37 2.17
CA LYS A 32 -23.37 -25.07 1.67
C LYS A 32 -22.77 -23.93 2.48
N ALA A 33 -22.93 -23.99 3.80
CA ALA A 33 -22.42 -22.96 4.69
C ALA A 33 -20.91 -22.79 4.53
N LEU A 34 -20.19 -23.90 4.61
CA LEU A 34 -18.74 -23.89 4.48
C LEU A 34 -18.31 -23.37 3.10
N THR A 35 -19.03 -23.78 2.07
CA THR A 35 -18.71 -23.33 0.71
C THR A 35 -18.88 -21.82 0.64
N THR A 36 -19.94 -21.34 1.29
CA THR A 36 -20.25 -19.91 1.30
C THR A 36 -19.21 -19.12 2.08
N LEU A 37 -18.82 -19.64 3.24
CA LEU A 37 -17.84 -18.97 4.07
C LEU A 37 -16.49 -18.89 3.36
N CYS A 38 -16.14 -19.95 2.65
CA CYS A 38 -14.86 -19.98 1.93
C CYS A 38 -14.84 -19.02 0.76
N ASP A 39 -15.97 -18.87 0.08
CA ASP A 39 -16.02 -17.95 -1.05
C ASP A 39 -15.94 -16.53 -0.53
N LEU A 40 -16.63 -16.27 0.58
CA LEU A 40 -16.60 -14.95 1.20
C LEU A 40 -15.15 -14.62 1.56
N ALA A 41 -14.53 -15.51 2.34
CA ALA A 41 -13.15 -15.31 2.74
C ALA A 41 -12.24 -15.09 1.55
N ASP A 42 -12.44 -15.87 0.50
CA ASP A 42 -11.62 -15.73 -0.70
C ASP A 42 -11.75 -14.31 -1.24
N ARG A 43 -12.97 -13.80 -1.30
CA ARG A 43 -13.19 -12.45 -1.78
C ARG A 43 -12.64 -11.40 -0.80
N GLU A 44 -12.66 -11.70 0.49
CA GLU A 44 -12.13 -10.75 1.49
C GLU A 44 -10.60 -10.72 1.40
N LEU A 45 -10.00 -11.86 1.11
CA LEU A 45 -8.56 -11.94 0.99
C LEU A 45 -8.07 -11.10 -0.18
N VAL A 46 -8.82 -11.10 -1.28
CA VAL A 46 -8.46 -10.29 -2.42
C VAL A 46 -8.45 -8.83 -1.99
N VAL A 47 -9.48 -8.45 -1.24
CA VAL A 47 -9.61 -7.09 -0.73
C VAL A 47 -8.50 -6.71 0.26
N ILE A 48 -8.13 -7.64 1.12
CA ILE A 48 -7.08 -7.39 2.12
C ILE A 48 -5.77 -6.97 1.47
N ILE A 49 -5.47 -7.52 0.31
CA ILE A 49 -4.24 -7.16 -0.38
C ILE A 49 -4.24 -5.69 -0.82
N GLY A 50 -5.38 -5.22 -1.34
CA GLY A 50 -5.45 -3.83 -1.75
C GLY A 50 -5.46 -2.93 -0.54
N TRP A 51 -6.14 -3.39 0.51
CA TRP A 51 -6.24 -2.67 1.76
C TRP A 51 -4.85 -2.45 2.38
N ALA A 52 -4.04 -3.50 2.35
CA ALA A 52 -2.69 -3.46 2.91
C ALA A 52 -1.81 -2.34 2.33
N LYS A 53 -1.98 -2.05 1.04
CA LYS A 53 -1.21 -0.99 0.39
C LYS A 53 -1.47 0.37 1.08
N HIS A 54 -2.63 0.49 1.72
CA HIS A 54 -3.03 1.74 2.40
C HIS A 54 -2.48 1.88 3.82
N ILE A 55 -1.81 0.85 4.29
CA ILE A 55 -1.27 0.89 5.64
C ILE A 55 0.05 1.62 5.67
N PRO A 56 0.13 2.71 6.47
CA PRO A 56 1.34 3.52 6.60
C PRO A 56 2.55 2.68 7.00
N GLY A 57 3.53 2.62 6.11
CA GLY A 57 4.74 1.87 6.36
C GLY A 57 4.82 0.48 5.76
N PHE A 58 3.69 -0.05 5.32
CA PHE A 58 3.66 -1.41 4.76
C PHE A 58 4.26 -1.58 3.36
N SER A 59 3.87 -0.72 2.42
CA SER A 59 4.32 -0.82 1.04
C SER A 59 5.82 -0.64 0.82
N THR A 60 6.52 -0.15 1.83
CA THR A 60 7.95 0.02 1.68
C THR A 60 8.73 -1.26 2.00
N LEU A 61 8.04 -2.27 2.52
CA LEU A 61 8.69 -3.54 2.82
C LEU A 61 8.93 -4.23 1.49
N SER A 62 9.89 -5.14 1.45
CA SER A 62 10.14 -5.88 0.22
C SER A 62 8.86 -6.63 -0.05
N LEU A 63 8.67 -7.06 -1.30
CA LEU A 63 7.49 -7.81 -1.66
C LEU A 63 7.45 -9.13 -0.91
N ALA A 64 8.62 -9.74 -0.69
CA ALA A 64 8.70 -11.00 0.02
C ALA A 64 8.20 -10.84 1.46
N ASP A 65 8.68 -9.82 2.14
CA ASP A 65 8.26 -9.58 3.52
C ASP A 65 6.78 -9.21 3.57
N GLN A 66 6.31 -8.48 2.56
CA GLN A 66 4.89 -8.11 2.52
C GLN A 66 4.06 -9.39 2.47
N MET A 67 4.43 -10.30 1.58
CA MET A 67 3.71 -11.56 1.44
C MET A 67 3.83 -12.41 2.70
N SER A 68 4.99 -12.37 3.35
CA SER A 68 5.15 -13.18 4.55
C SER A 68 4.22 -12.70 5.65
N LEU A 69 4.09 -11.38 5.80
CA LEU A 69 3.20 -10.86 6.84
C LEU A 69 1.76 -11.22 6.55
N LEU A 70 1.33 -11.02 5.30
CA LEU A 70 -0.04 -11.31 4.91
C LEU A 70 -0.36 -12.80 5.08
N GLN A 71 0.62 -13.64 4.72
CA GLN A 71 0.45 -15.07 4.85
C GLN A 71 0.29 -15.49 6.29
N SER A 72 0.99 -14.82 7.20
CA SER A 72 0.90 -15.19 8.61
C SER A 72 -0.29 -14.57 9.33
N ALA A 73 -0.77 -13.43 8.85
CA ALA A 73 -1.84 -12.76 9.57
C ALA A 73 -3.21 -12.65 8.82
N TRP A 74 -3.43 -13.27 7.68
CA TRP A 74 -4.74 -13.07 7.02
C TRP A 74 -5.92 -13.55 7.87
N MET A 75 -5.79 -14.69 8.55
CA MET A 75 -6.91 -15.18 9.34
C MET A 75 -7.22 -14.30 10.56
N GLU A 76 -6.19 -13.70 11.14
CA GLU A 76 -6.39 -12.81 12.28
C GLU A 76 -7.15 -11.57 11.80
N ILE A 77 -6.82 -11.11 10.60
CA ILE A 77 -7.47 -9.93 10.01
C ILE A 77 -8.93 -10.24 9.70
N LEU A 78 -9.18 -11.40 9.10
CA LEU A 78 -10.56 -11.81 8.79
C LEU A 78 -11.38 -11.94 10.07
N ILE A 79 -10.84 -12.67 11.06
CA ILE A 79 -11.54 -12.86 12.33
C ILE A 79 -11.83 -11.54 13.07
N LEU A 80 -10.85 -10.64 13.14
CA LEU A 80 -11.10 -9.37 13.81
C LEU A 80 -12.28 -8.68 13.16
N GLY A 81 -12.32 -8.74 11.83
CA GLY A 81 -13.42 -8.13 11.09
C GLY A 81 -14.75 -8.70 11.55
N VAL A 82 -14.86 -10.02 11.55
CA VAL A 82 -16.09 -10.68 12.00
C VAL A 82 -16.42 -10.26 13.41
N VAL A 83 -15.42 -10.26 14.28
CA VAL A 83 -15.63 -9.88 15.66
C VAL A 83 -16.18 -8.46 15.78
N TYR A 84 -15.53 -7.50 15.11
CA TYR A 84 -15.97 -6.11 15.20
C TYR A 84 -17.42 -5.96 14.69
N ARG A 85 -17.77 -6.67 13.61
CA ARG A 85 -19.13 -6.58 13.05
C ARG A 85 -20.16 -7.23 13.96
N SER A 86 -19.71 -8.04 14.92
CA SER A 86 -20.59 -8.75 15.83
C SER A 86 -20.78 -8.12 17.20
N LEU A 87 -20.11 -6.99 17.44
CA LEU A 87 -20.17 -6.34 18.74
C LEU A 87 -21.54 -5.91 19.25
N SER A 88 -22.42 -5.46 18.36
CA SER A 88 -23.75 -5.02 18.79
C SER A 88 -24.74 -6.18 18.80
N PHE A 89 -24.23 -7.38 18.56
CA PHE A 89 -25.08 -8.56 18.54
C PHE A 89 -24.91 -9.41 19.79
N GLU A 90 -25.77 -10.42 19.93
CA GLU A 90 -25.73 -11.32 21.08
C GLU A 90 -25.67 -12.76 20.60
N ASP A 91 -24.58 -13.45 20.90
CA ASP A 91 -24.38 -14.84 20.51
C ASP A 91 -24.57 -15.10 19.03
N GLU A 92 -24.29 -14.07 18.22
CA GLU A 92 -24.42 -14.22 16.78
C GLU A 92 -23.19 -13.62 16.12
N LEU A 93 -22.79 -14.22 15.00
CA LEU A 93 -21.63 -13.74 14.27
C LEU A 93 -21.97 -13.20 12.90
N VAL A 94 -21.62 -11.94 12.68
CA VAL A 94 -21.87 -11.25 11.43
C VAL A 94 -20.74 -11.45 10.42
N TYR A 95 -20.68 -12.61 9.79
CA TYR A 95 -19.65 -12.86 8.79
C TYR A 95 -19.84 -11.85 7.66
N ALA A 96 -21.09 -11.50 7.40
CA ALA A 96 -21.46 -10.52 6.39
C ALA A 96 -22.89 -10.10 6.71
N ASP A 97 -23.28 -8.91 6.27
CA ASP A 97 -24.62 -8.42 6.51
C ASP A 97 -25.67 -9.46 6.11
N ASP A 98 -25.43 -10.15 4.99
CA ASP A 98 -26.35 -11.16 4.48
C ASP A 98 -26.04 -12.57 4.96
N TYR A 99 -25.12 -12.69 5.93
CA TYR A 99 -24.79 -14.00 6.46
C TYR A 99 -24.40 -13.86 7.91
N ILE A 100 -25.41 -13.99 8.76
CA ILE A 100 -25.23 -13.89 10.20
C ILE A 100 -25.51 -15.27 10.78
N MET A 101 -24.55 -15.82 11.52
CA MET A 101 -24.72 -17.15 12.07
C MET A 101 -25.09 -17.19 13.54
N ASP A 102 -26.22 -17.83 13.84
CA ASP A 102 -26.66 -17.99 15.22
C ASP A 102 -26.22 -19.40 15.62
N GLU A 103 -26.58 -19.83 16.82
CA GLU A 103 -26.17 -21.15 17.29
C GLU A 103 -26.62 -22.31 16.41
N ASP A 104 -27.90 -22.34 16.04
CA ASP A 104 -28.41 -23.42 15.20
C ASP A 104 -27.71 -23.47 13.84
N GLN A 105 -27.54 -22.33 13.21
CA GLN A 105 -26.89 -22.29 11.91
C GLN A 105 -25.44 -22.77 12.06
N SER A 106 -24.89 -22.59 13.26
CA SER A 106 -23.52 -23.02 13.55
C SER A 106 -23.46 -24.54 13.70
N LYS A 107 -24.39 -25.11 14.47
CA LYS A 107 -24.44 -26.55 14.67
C LYS A 107 -24.60 -27.20 13.31
N LEU A 108 -25.56 -26.69 12.55
CA LEU A 108 -25.87 -27.19 11.22
C LEU A 108 -24.69 -27.14 10.25
N ALA A 109 -23.67 -26.36 10.60
CA ALA A 109 -22.50 -26.24 9.72
C ALA A 109 -21.26 -26.90 10.32
N GLY A 110 -21.34 -27.25 11.61
CA GLY A 110 -20.22 -27.88 12.28
C GLY A 110 -19.20 -26.84 12.68
N LEU A 111 -19.67 -25.65 13.04
CA LEU A 111 -18.79 -24.56 13.43
C LEU A 111 -19.08 -24.06 14.83
N LEU A 112 -19.78 -24.87 15.62
CA LEU A 112 -20.15 -24.51 16.98
C LEU A 112 -18.94 -24.15 17.84
N ASP A 113 -17.97 -25.06 17.90
CA ASP A 113 -16.77 -24.85 18.69
C ASP A 113 -16.03 -23.59 18.25
N LEU A 114 -15.71 -23.52 16.96
CA LEU A 114 -14.99 -22.37 16.43
C LEU A 114 -15.77 -21.07 16.62
N ASN A 115 -17.05 -21.07 16.29
CA ASN A 115 -17.84 -19.85 16.44
C ASN A 115 -17.97 -19.45 17.90
N ASN A 116 -17.96 -20.42 18.80
CA ASN A 116 -18.01 -20.12 20.24
C ASN A 116 -16.70 -19.48 20.67
N ALA A 117 -15.60 -19.94 20.10
CA ALA A 117 -14.29 -19.37 20.43
C ALA A 117 -14.25 -17.94 19.93
N ILE A 118 -14.73 -17.72 18.71
CA ILE A 118 -14.76 -16.36 18.15
C ILE A 118 -15.65 -15.46 19.02
N LEU A 119 -16.73 -16.02 19.57
CA LEU A 119 -17.62 -15.26 20.42
C LEU A 119 -16.91 -14.81 21.69
N GLN A 120 -15.89 -15.55 22.11
CA GLN A 120 -15.14 -15.19 23.32
C GLN A 120 -14.39 -13.88 23.05
N LEU A 121 -13.88 -13.71 21.84
CA LEU A 121 -13.18 -12.48 21.48
C LEU A 121 -14.18 -11.34 21.52
N VAL A 122 -15.34 -11.58 20.91
CA VAL A 122 -16.41 -10.57 20.85
C VAL A 122 -16.73 -10.09 22.26
N LYS A 123 -16.90 -11.04 23.17
CA LYS A 123 -17.24 -10.70 24.57
C LYS A 123 -16.22 -9.79 25.24
N LYS A 124 -14.93 -10.07 25.05
CA LYS A 124 -13.91 -9.24 25.68
C LYS A 124 -13.94 -7.84 25.09
N TYR A 125 -14.05 -7.74 23.77
CA TYR A 125 -14.07 -6.42 23.15
C TYR A 125 -15.31 -5.65 23.55
N LYS A 126 -16.41 -6.37 23.77
CA LYS A 126 -17.64 -5.72 24.19
C LYS A 126 -17.43 -5.00 25.51
N SER A 127 -16.92 -5.73 26.50
CA SER A 127 -16.68 -5.18 27.83
C SER A 127 -15.80 -3.94 27.78
N MET A 128 -14.86 -3.90 26.83
CA MET A 128 -13.96 -2.77 26.69
C MET A 128 -14.59 -1.65 25.86
N LYS A 129 -15.68 -1.97 25.16
CA LYS A 129 -16.34 -1.00 24.30
C LYS A 129 -15.40 -0.53 23.20
N LEU A 130 -14.88 -1.52 22.47
CA LEU A 130 -13.96 -1.30 21.37
C LEU A 130 -14.54 -0.33 20.34
N GLU A 131 -13.76 0.68 19.97
CA GLU A 131 -14.20 1.67 19.00
C GLU A 131 -13.66 1.35 17.62
N LYS A 132 -14.34 1.83 16.58
CA LYS A 132 -13.89 1.57 15.22
C LYS A 132 -12.45 2.02 15.03
N GLU A 133 -12.09 3.13 15.69
CA GLU A 133 -10.73 3.64 15.58
C GLU A 133 -9.71 2.63 16.10
N GLU A 134 -10.05 1.97 17.20
CA GLU A 134 -9.17 0.99 17.80
C GLU A 134 -9.16 -0.30 16.98
N PHE A 135 -10.31 -0.64 16.44
CA PHE A 135 -10.46 -1.82 15.60
C PHE A 135 -9.54 -1.77 14.38
N VAL A 136 -9.55 -0.65 13.66
CA VAL A 136 -8.72 -0.56 12.46
C VAL A 136 -7.24 -0.54 12.78
N THR A 137 -6.89 0.08 13.90
CA THR A 137 -5.49 0.15 14.29
C THR A 137 -5.03 -1.24 14.73
N LEU A 138 -5.92 -1.99 15.39
CA LEU A 138 -5.57 -3.34 15.84
C LEU A 138 -5.38 -4.27 14.66
N LYS A 139 -6.17 -4.08 13.60
CA LYS A 139 -6.03 -4.90 12.40
C LYS A 139 -4.65 -4.71 11.79
N ALA A 140 -4.24 -3.45 11.64
CA ALA A 140 -2.92 -3.16 11.05
C ALA A 140 -1.82 -3.69 11.94
N ILE A 141 -1.98 -3.53 13.24
CA ILE A 141 -0.98 -4.00 14.19
C ILE A 141 -0.87 -5.51 14.10
N ALA A 142 -2.01 -6.17 13.98
CA ALA A 142 -2.04 -7.63 13.88
C ALA A 142 -1.25 -8.07 12.65
N LEU A 143 -1.36 -7.32 11.55
CA LEU A 143 -0.63 -7.66 10.34
C LEU A 143 0.87 -7.49 10.55
N ALA A 144 1.27 -6.35 11.12
CA ALA A 144 2.68 -6.03 11.35
C ALA A 144 3.33 -6.91 12.41
N ASN A 145 2.54 -7.34 13.39
CA ASN A 145 3.02 -8.16 14.51
C ASN A 145 2.70 -9.66 14.33
N SER A 146 2.51 -10.13 13.08
CA SER A 146 2.15 -11.53 12.82
C SER A 146 3.22 -12.59 13.07
N ASP A 147 4.45 -12.18 13.37
CA ASP A 147 5.55 -13.11 13.70
C ASP A 147 5.90 -14.17 12.63
N SER A 148 5.92 -13.79 11.35
CA SER A 148 6.33 -14.73 10.30
C SER A 148 7.78 -15.10 10.54
N MET A 149 8.14 -16.37 10.35
CA MET A 149 9.53 -16.77 10.54
C MET A 149 10.32 -16.55 9.25
N HIS A 150 9.65 -16.04 8.23
CA HIS A 150 10.30 -15.85 6.94
C HIS A 150 10.73 -14.42 6.62
N ILE A 151 10.66 -13.53 7.60
CA ILE A 151 11.03 -12.12 7.40
C ILE A 151 12.49 -11.91 6.99
N GLU A 152 12.71 -11.10 5.96
CA GLU A 152 14.07 -10.81 5.49
C GLU A 152 14.63 -9.60 6.22
N ASP A 153 13.79 -8.58 6.40
CA ASP A 153 14.21 -7.35 7.06
C ASP A 153 13.49 -7.12 8.38
N VAL A 154 13.98 -7.74 9.44
CA VAL A 154 13.36 -7.58 10.77
C VAL A 154 13.25 -6.12 11.22
N GLU A 155 14.34 -5.36 11.07
CA GLU A 155 14.33 -3.96 11.47
C GLU A 155 13.21 -3.17 10.79
N ALA A 156 13.03 -3.39 9.48
CA ALA A 156 11.99 -2.67 8.76
C ALA A 156 10.60 -3.07 9.25
N VAL A 157 10.42 -4.35 9.58
CA VAL A 157 9.12 -4.82 10.07
C VAL A 157 8.82 -4.22 11.45
N GLN A 158 9.85 -4.13 12.29
CA GLN A 158 9.70 -3.54 13.61
C GLN A 158 9.34 -2.07 13.50
N LYS A 159 9.85 -1.41 12.45
CA LYS A 159 9.54 -0.01 12.22
C LYS A 159 8.04 0.11 11.87
N LEU A 160 7.53 -0.83 11.08
CA LEU A 160 6.10 -0.80 10.74
C LEU A 160 5.30 -0.95 12.04
N GLN A 161 5.75 -1.87 12.89
CA GLN A 161 5.10 -2.10 14.18
C GLN A 161 5.14 -0.84 15.06
N ASP A 162 6.31 -0.21 15.15
CA ASP A 162 6.47 0.99 15.96
C ASP A 162 5.54 2.11 15.54
N VAL A 163 5.45 2.33 14.23
CA VAL A 163 4.60 3.37 13.67
C VAL A 163 3.11 3.16 14.02
N LEU A 164 2.65 1.92 13.95
CA LEU A 164 1.25 1.64 14.25
C LEU A 164 1.02 1.62 15.75
N HIS A 165 1.98 1.06 16.48
CA HIS A 165 1.91 0.99 17.93
C HIS A 165 1.83 2.44 18.44
N GLU A 166 2.67 3.31 17.88
CA GLU A 166 2.68 4.71 18.28
C GLU A 166 1.33 5.38 18.04
N ALA A 167 0.72 5.09 16.90
CA ALA A 167 -0.59 5.66 16.58
C ALA A 167 -1.64 5.27 17.62
N LEU A 168 -1.59 4.01 18.05
CA LEU A 168 -2.52 3.52 19.05
C LEU A 168 -2.30 4.22 20.39
N GLN A 169 -1.04 4.24 20.85
CA GLN A 169 -0.73 4.88 22.12
C GLN A 169 -1.17 6.34 22.11
N ASP A 170 -0.86 7.05 21.02
CA ASP A 170 -1.24 8.46 20.90
C ASP A 170 -2.75 8.62 20.91
N TYR A 171 -3.45 7.77 20.18
CA TYR A 171 -4.91 7.85 20.13
C TYR A 171 -5.49 7.66 21.52
N GLU A 172 -5.01 6.66 22.24
CA GLU A 172 -5.51 6.37 23.58
C GLU A 172 -5.21 7.51 24.54
N ALA A 173 -4.01 8.06 24.43
CA ALA A 173 -3.59 9.16 25.29
C ALA A 173 -4.54 10.35 25.15
N GLY A 174 -4.98 10.61 23.92
CA GLY A 174 -5.86 11.74 23.70
C GLY A 174 -7.36 11.52 23.80
N GLN A 175 -7.83 10.30 23.55
CA GLN A 175 -9.27 10.04 23.59
C GLN A 175 -9.76 9.28 24.81
N HIS A 176 -8.85 8.72 25.59
CA HIS A 176 -9.24 7.95 26.76
C HIS A 176 -8.34 8.23 27.96
N MET A 177 -8.24 9.51 28.31
CA MET A 177 -7.43 9.93 29.43
C MET A 177 -7.93 9.31 30.73
N GLU A 178 -9.17 8.84 30.74
CA GLU A 178 -9.74 8.22 31.93
C GLU A 178 -9.11 6.87 32.26
N ASP A 179 -8.48 6.23 31.26
CA ASP A 179 -7.81 4.95 31.47
C ASP A 179 -6.45 4.98 30.79
N PRO A 180 -5.40 5.35 31.54
CA PRO A 180 -4.03 5.44 31.06
C PRO A 180 -3.43 4.12 30.61
N ARG A 181 -4.17 3.03 30.77
CA ARG A 181 -3.67 1.72 30.37
C ARG A 181 -4.54 1.05 29.29
N ARG A 182 -5.41 1.83 28.67
CA ARG A 182 -6.30 1.29 27.65
C ARG A 182 -5.51 0.74 26.44
N ALA A 183 -4.45 1.43 26.05
CA ALA A 183 -3.64 0.99 24.92
C ALA A 183 -3.09 -0.40 25.24
N GLY A 184 -2.58 -0.56 26.45
CA GLY A 184 -2.03 -1.81 26.89
C GLY A 184 -3.09 -2.91 26.89
N LYS A 185 -4.28 -2.60 27.39
CA LYS A 185 -5.36 -3.57 27.42
C LYS A 185 -5.69 -4.02 26.01
N MET A 186 -5.66 -3.08 25.05
CA MET A 186 -5.96 -3.42 23.67
C MET A 186 -4.93 -4.42 23.16
N LEU A 187 -3.66 -4.13 23.44
CA LEU A 187 -2.58 -5.01 23.01
C LEU A 187 -2.69 -6.38 23.68
N MET A 188 -3.22 -6.44 24.90
CA MET A 188 -3.35 -7.72 25.59
C MET A 188 -4.45 -8.61 25.03
N THR A 189 -5.21 -8.12 24.05
CA THR A 189 -6.27 -8.91 23.41
C THR A 189 -5.70 -9.68 22.23
N LEU A 190 -4.48 -9.33 21.81
CA LEU A 190 -3.90 -9.97 20.65
C LEU A 190 -3.61 -11.44 20.81
N PRO A 191 -3.22 -11.89 22.02
CA PRO A 191 -2.95 -13.32 22.19
C PRO A 191 -4.16 -14.19 21.85
N LEU A 192 -5.35 -13.80 22.34
CA LEU A 192 -6.57 -14.58 22.08
C LEU A 192 -6.89 -14.53 20.59
N LEU A 193 -6.59 -13.40 19.95
CA LEU A 193 -6.86 -13.26 18.52
C LEU A 193 -6.02 -14.28 17.75
N ARG A 194 -4.74 -14.36 18.12
CA ARG A 194 -3.79 -15.27 17.51
C ARG A 194 -4.25 -16.72 17.73
N GLN A 195 -4.67 -17.00 18.96
CA GLN A 195 -5.11 -18.33 19.37
C GLN A 195 -6.35 -18.77 18.60
N THR A 196 -7.30 -17.87 18.48
CA THR A 196 -8.54 -18.14 17.77
C THR A 196 -8.29 -18.30 16.27
N SER A 197 -7.36 -17.53 15.73
CA SER A 197 -7.04 -17.63 14.31
C SER A 197 -6.42 -19.00 14.02
N THR A 198 -5.56 -19.45 14.91
CA THR A 198 -4.92 -20.76 14.75
C THR A 198 -5.96 -21.87 14.76
N LYS A 199 -6.92 -21.82 15.67
CA LYS A 199 -7.97 -22.83 15.73
C LYS A 199 -8.81 -22.78 14.44
N ALA A 200 -9.01 -21.59 13.90
CA ALA A 200 -9.79 -21.46 12.67
C ALA A 200 -9.03 -22.06 11.50
N VAL A 201 -7.74 -21.75 11.40
CA VAL A 201 -6.93 -22.25 10.32
C VAL A 201 -6.89 -23.79 10.35
N GLN A 202 -6.77 -24.36 11.54
CA GLN A 202 -6.71 -25.80 11.71
C GLN A 202 -8.05 -26.44 11.34
N HIS A 203 -9.11 -25.68 11.54
CA HIS A 203 -10.44 -26.18 11.22
C HIS A 203 -10.61 -26.18 9.69
N PHE A 204 -10.18 -25.09 9.08
CA PHE A 204 -10.23 -24.90 7.64
C PHE A 204 -9.41 -25.96 6.93
N TYR A 205 -8.59 -26.72 7.69
CA TYR A 205 -7.71 -27.77 7.15
C TYR A 205 -8.33 -29.16 7.40
N ASN A 206 -8.93 -29.38 8.56
CA ASN A 206 -9.54 -30.67 8.81
C ASN A 206 -10.73 -30.91 7.85
N ILE A 207 -11.24 -29.84 7.21
CA ILE A 207 -12.36 -29.92 6.24
C ILE A 207 -11.89 -29.86 4.79
N LYS A 208 -10.96 -28.94 4.49
CA LYS A 208 -10.43 -28.82 3.11
C LYS A 208 -9.78 -30.16 2.80
N LEU A 209 -9.36 -30.75 3.88
CA LEU A 209 -8.75 -32.04 3.92
C LEU A 209 -9.83 -33.11 3.79
N GLU A 210 -10.84 -33.12 4.66
CA GLU A 210 -11.84 -34.18 4.55
C GLU A 210 -12.56 -34.23 3.19
N GLY A 211 -12.17 -33.36 2.27
CA GLY A 211 -12.83 -33.33 0.98
C GLY A 211 -14.20 -32.69 1.14
N LYS A 212 -14.36 -31.92 2.22
CA LYS A 212 -15.62 -31.21 2.50
C LYS A 212 -16.00 -30.40 1.26
N VAL A 213 -15.42 -29.24 1.14
CA VAL A 213 -15.57 -28.40 -0.04
C VAL A 213 -14.19 -28.16 -0.56
N PRO A 214 -13.56 -29.21 -1.06
CA PRO A 214 -12.22 -29.10 -1.58
C PRO A 214 -12.13 -29.20 -3.10
N MET A 215 -10.95 -29.57 -3.49
CA MET A 215 -10.44 -29.74 -4.81
C MET A 215 -8.97 -29.41 -4.58
N HIS A 216 -8.80 -28.74 -3.45
CA HIS A 216 -7.50 -28.32 -2.91
C HIS A 216 -7.14 -29.31 -1.76
N TYR B 3 11.97 2.01 41.42
CA TYR B 3 11.50 0.97 42.37
C TYR B 3 9.99 0.69 42.25
N ASN B 4 9.61 -0.58 42.31
CA ASN B 4 8.20 -0.98 42.23
C ASN B 4 7.95 -2.19 43.12
N LYS B 5 6.97 -2.06 44.01
CA LYS B 5 6.64 -3.12 44.96
C LYS B 5 6.29 -4.47 44.32
N ILE B 6 5.33 -4.46 43.41
CA ILE B 6 4.90 -5.68 42.74
C ILE B 6 6.08 -6.40 42.07
N VAL B 7 6.89 -5.64 41.36
CA VAL B 7 8.04 -6.21 40.68
C VAL B 7 9.03 -6.78 41.69
N SER B 8 9.32 -6.04 42.76
CA SER B 8 10.25 -6.53 43.77
C SER B 8 9.76 -7.83 44.36
N HIS B 9 8.46 -7.90 44.61
CA HIS B 9 7.90 -9.12 45.17
C HIS B 9 8.04 -10.28 44.19
N LEU B 10 7.73 -10.02 42.92
CA LEU B 10 7.85 -11.08 41.91
C LEU B 10 9.30 -11.57 41.87
N LEU B 11 10.25 -10.65 42.01
CA LEU B 11 11.66 -11.05 42.00
C LEU B 11 11.98 -12.06 43.10
N VAL B 12 11.66 -11.74 44.35
CA VAL B 12 11.95 -12.66 45.45
C VAL B 12 11.12 -13.93 45.38
N ALA B 13 10.00 -13.88 44.67
CA ALA B 13 9.11 -15.05 44.56
C ALA B 13 9.64 -16.07 43.55
N GLU B 14 10.69 -15.73 42.81
CA GLU B 14 11.27 -16.64 41.82
C GLU B 14 11.74 -17.97 42.42
N PRO B 15 11.22 -19.10 41.93
CA PRO B 15 11.65 -20.39 42.48
C PRO B 15 13.12 -20.57 42.11
N GLU B 16 13.83 -21.48 42.80
CA GLU B 16 15.23 -21.66 42.44
C GLU B 16 15.35 -22.71 41.35
N LYS B 17 16.56 -22.85 40.80
CA LYS B 17 16.82 -23.77 39.71
C LYS B 17 16.37 -25.20 39.95
N ILE B 18 15.85 -25.80 38.88
CA ILE B 18 15.44 -27.19 38.86
C ILE B 18 16.33 -27.83 37.84
N TYR B 19 16.88 -29.00 38.14
CA TYR B 19 17.78 -29.68 37.22
C TYR B 19 17.07 -30.83 36.50
N ALA B 20 17.50 -31.11 35.28
CA ALA B 20 16.91 -32.19 34.48
C ALA B 20 17.39 -33.58 34.90
N MET B 21 18.67 -33.65 35.31
CA MET B 21 19.28 -34.89 35.76
C MET B 21 19.21 -36.05 34.77
N PRO B 22 19.80 -35.90 33.58
CA PRO B 22 19.78 -36.98 32.59
C PRO B 22 20.55 -38.21 33.08
N ASP B 23 19.94 -39.38 32.89
CA ASP B 23 20.50 -40.68 33.32
C ASP B 23 21.44 -41.35 32.31
N PRO B 24 22.72 -41.57 32.70
CA PRO B 24 23.71 -42.21 31.82
C PRO B 24 23.52 -43.72 31.61
N THR B 25 23.02 -44.41 32.63
CA THR B 25 22.78 -45.85 32.51
C THR B 25 21.85 -46.07 31.35
N VAL B 26 21.28 -44.98 30.86
CA VAL B 26 20.37 -45.03 29.73
C VAL B 26 21.05 -44.46 28.52
N PRO B 27 21.08 -45.22 27.41
CA PRO B 27 21.74 -44.65 26.24
C PRO B 27 20.86 -43.60 25.57
N ASP B 28 21.49 -42.50 25.17
CA ASP B 28 20.80 -41.41 24.50
C ASP B 28 19.96 -41.91 23.35
N SER B 29 18.76 -41.36 23.24
CA SER B 29 17.84 -41.69 22.17
C SER B 29 16.83 -40.56 22.14
N ASP B 30 15.70 -40.81 21.49
CA ASP B 30 14.65 -39.81 21.41
C ASP B 30 13.77 -40.03 22.64
N ILE B 31 13.51 -41.30 22.93
CA ILE B 31 12.68 -41.65 24.09
C ILE B 31 13.30 -41.14 25.38
N LYS B 32 14.62 -41.07 25.42
CA LYS B 32 15.32 -40.59 26.61
C LYS B 32 15.14 -39.08 26.75
N ALA B 33 15.32 -38.37 25.64
CA ALA B 33 15.17 -36.92 25.65
C ALA B 33 13.76 -36.54 26.07
N LEU B 34 12.76 -37.14 25.44
CA LEU B 34 11.36 -36.84 25.77
C LEU B 34 11.04 -37.20 27.21
N THR B 35 11.56 -38.34 27.66
CA THR B 35 11.33 -38.79 29.03
C THR B 35 11.90 -37.77 29.98
N THR B 36 13.13 -37.33 29.69
CA THR B 36 13.82 -36.36 30.52
C THR B 36 13.07 -35.02 30.59
N LEU B 37 12.68 -34.50 29.44
CA LEU B 37 11.98 -33.22 29.39
C LEU B 37 10.65 -33.27 30.15
N CYS B 38 9.90 -34.37 29.99
CA CYS B 38 8.63 -34.49 30.67
C CYS B 38 8.79 -34.52 32.18
N ASP B 39 9.78 -35.27 32.66
CA ASP B 39 10.00 -35.34 34.11
C ASP B 39 10.43 -33.99 34.63
N LEU B 40 11.26 -33.29 33.86
CA LEU B 40 11.71 -31.96 34.25
C LEU B 40 10.50 -31.02 34.38
N ALA B 41 9.59 -31.09 33.40
CA ALA B 41 8.40 -30.23 33.40
C ALA B 41 7.49 -30.54 34.57
N ASP B 42 7.35 -31.83 34.88
CA ASP B 42 6.54 -32.27 36.01
C ASP B 42 7.01 -31.62 37.30
N ARG B 43 8.32 -31.65 37.52
CA ARG B 43 8.89 -31.06 38.72
C ARG B 43 8.82 -29.55 38.69
N GLU B 44 8.94 -28.96 37.51
CA GLU B 44 8.86 -27.51 37.38
C GLU B 44 7.42 -27.07 37.65
N LEU B 45 6.47 -27.93 37.29
CA LEU B 45 5.06 -27.64 37.51
C LEU B 45 4.71 -27.55 38.99
N VAL B 46 5.30 -28.43 39.79
CA VAL B 46 5.05 -28.42 41.24
C VAL B 46 5.50 -27.06 41.79
N VAL B 47 6.67 -26.64 41.33
CA VAL B 47 7.25 -25.37 41.74
C VAL B 47 6.44 -24.18 41.22
N ILE B 48 5.87 -24.34 40.03
CA ILE B 48 5.06 -23.29 39.43
C ILE B 48 3.78 -23.05 40.20
N ILE B 49 3.15 -24.12 40.65
CA ILE B 49 1.92 -24.01 41.42
C ILE B 49 2.15 -23.21 42.69
N GLY B 50 3.28 -23.46 43.35
CA GLY B 50 3.60 -22.76 44.57
C GLY B 50 3.96 -21.30 44.32
N TRP B 51 4.59 -21.05 43.17
CA TRP B 51 4.99 -19.71 42.79
C TRP B 51 3.75 -18.85 42.54
N ALA B 52 2.76 -19.42 41.87
CA ALA B 52 1.53 -18.71 41.55
C ALA B 52 0.82 -18.20 42.80
N LYS B 53 0.88 -18.99 43.88
CA LYS B 53 0.22 -18.60 45.12
C LYS B 53 0.81 -17.32 45.71
N HIS B 54 1.99 -16.94 45.24
CA HIS B 54 2.64 -15.72 45.72
C HIS B 54 2.34 -14.52 44.85
N ILE B 55 1.65 -14.73 43.73
CA ILE B 55 1.33 -13.61 42.88
C ILE B 55 0.20 -12.88 43.58
N PRO B 56 0.37 -11.56 43.77
CA PRO B 56 -0.58 -10.68 44.43
C PRO B 56 -2.03 -10.82 43.93
N GLY B 57 -2.90 -11.37 44.78
CA GLY B 57 -4.30 -11.52 44.41
C GLY B 57 -4.68 -12.84 43.77
N PHE B 58 -3.70 -13.71 43.58
CA PHE B 58 -3.95 -15.00 42.93
C PHE B 58 -4.63 -16.05 43.80
N SER B 59 -4.08 -16.34 44.97
CA SER B 59 -4.67 -17.34 45.86
C SER B 59 -5.99 -16.85 46.44
N THR B 60 -6.30 -15.59 46.19
CA THR B 60 -7.54 -14.99 46.67
C THR B 60 -8.70 -15.25 45.72
N LEU B 61 -8.40 -15.76 44.52
CA LEU B 61 -9.43 -16.09 43.54
C LEU B 61 -10.01 -17.44 43.94
N SER B 62 -11.18 -17.79 43.40
CA SER B 62 -11.76 -19.08 43.76
C SER B 62 -10.76 -20.13 43.29
N LEU B 63 -10.62 -21.21 44.06
CA LEU B 63 -9.68 -22.26 43.69
C LEU B 63 -9.97 -22.75 42.28
N ALA B 64 -11.21 -22.58 41.83
CA ALA B 64 -11.59 -23.00 40.49
C ALA B 64 -10.90 -22.05 39.49
N ASP B 65 -11.06 -20.75 39.70
CA ASP B 65 -10.45 -19.75 38.82
C ASP B 65 -8.93 -19.90 38.84
N GLN B 66 -8.41 -20.19 40.02
CA GLN B 66 -6.99 -20.36 40.24
C GLN B 66 -6.45 -21.46 39.33
N MET B 67 -7.10 -22.61 39.38
CA MET B 67 -6.70 -23.75 38.58
C MET B 67 -7.00 -23.52 37.11
N SER B 68 -7.99 -22.69 36.83
CA SER B 68 -8.33 -22.39 35.45
C SER B 68 -7.23 -21.59 34.76
N LEU B 69 -6.69 -20.58 35.45
CA LEU B 69 -5.60 -19.80 34.85
C LEU B 69 -4.38 -20.71 34.62
N LEU B 70 -4.02 -21.50 35.63
CA LEU B 70 -2.87 -22.41 35.52
C LEU B 70 -3.03 -23.42 34.41
N GLN B 71 -4.25 -23.95 34.27
CA GLN B 71 -4.53 -24.93 33.23
C GLN B 71 -4.31 -24.33 31.83
N SER B 72 -4.67 -23.08 31.67
CA SER B 72 -4.51 -22.43 30.37
C SER B 72 -3.12 -21.86 30.15
N ALA B 73 -2.40 -21.54 31.22
CA ALA B 73 -1.10 -20.91 31.04
C ALA B 73 0.11 -21.77 31.41
N TRP B 74 -0.01 -22.98 31.90
CA TRP B 74 1.19 -23.72 32.35
C TRP B 74 2.32 -23.80 31.31
N MET B 75 2.00 -24.10 30.06
CA MET B 75 3.07 -24.21 29.07
C MET B 75 3.71 -22.86 28.73
N GLU B 76 2.93 -21.80 28.71
CA GLU B 76 3.48 -20.47 28.43
C GLU B 76 4.50 -20.13 29.53
N ILE B 77 4.17 -20.48 30.77
CA ILE B 77 5.07 -20.22 31.88
C ILE B 77 6.34 -21.07 31.74
N LEU B 78 6.18 -22.34 31.38
CA LEU B 78 7.33 -23.21 31.18
C LEU B 78 8.22 -22.67 30.06
N ILE B 79 7.60 -22.32 28.93
CA ILE B 79 8.33 -21.82 27.77
C ILE B 79 9.07 -20.52 28.05
N LEU B 80 8.42 -19.59 28.75
CA LEU B 80 9.06 -18.32 29.06
C LEU B 80 10.34 -18.57 29.90
N GLY B 81 10.30 -19.59 30.75
CA GLY B 81 11.48 -19.91 31.55
C GLY B 81 12.63 -20.36 30.66
N VAL B 82 12.37 -21.31 29.77
CA VAL B 82 13.40 -21.81 28.87
C VAL B 82 13.98 -20.64 28.09
N VAL B 83 13.09 -19.82 27.53
CA VAL B 83 13.50 -18.67 26.76
C VAL B 83 14.41 -17.73 27.57
N TYR B 84 13.96 -17.33 28.75
CA TYR B 84 14.77 -16.44 29.57
C TYR B 84 16.17 -17.03 29.85
N ARG B 85 16.22 -18.31 30.21
CA ARG B 85 17.49 -18.99 30.50
C ARG B 85 18.39 -19.15 29.27
N SER B 86 17.84 -18.93 28.08
CA SER B 86 18.60 -19.09 26.84
C SER B 86 19.08 -17.80 26.20
N LEU B 87 18.76 -16.67 26.82
CA LEU B 87 19.13 -15.36 26.26
C LEU B 87 20.62 -15.16 26.00
N SER B 88 21.47 -15.66 26.89
CA SER B 88 22.92 -15.48 26.72
C SER B 88 23.55 -16.46 25.75
N PHE B 89 22.79 -17.45 25.29
CA PHE B 89 23.32 -18.43 24.37
C PHE B 89 23.00 -18.09 22.92
N GLU B 90 23.38 -18.98 22.01
CA GLU B 90 23.14 -18.79 20.59
C GLU B 90 22.71 -20.11 19.99
N ASP B 91 21.52 -20.12 19.40
CA ASP B 91 20.95 -21.32 18.79
C ASP B 91 20.96 -22.51 19.74
N GLU B 92 20.81 -22.25 21.04
CA GLU B 92 20.77 -23.31 22.05
C GLU B 92 19.65 -23.03 23.05
N LEU B 93 19.06 -24.10 23.59
CA LEU B 93 17.98 -23.95 24.57
C LEU B 93 18.33 -24.56 25.91
N VAL B 94 18.37 -23.73 26.93
CA VAL B 94 18.69 -24.17 28.27
C VAL B 94 17.44 -24.61 29.02
N TYR B 95 17.03 -25.86 28.82
CA TYR B 95 15.85 -26.35 29.53
C TYR B 95 16.22 -26.42 31.02
N ALA B 96 17.52 -26.51 31.28
CA ALA B 96 18.07 -26.57 32.63
C ALA B 96 19.58 -26.40 32.47
N ASP B 97 20.29 -26.04 33.53
CA ASP B 97 21.73 -25.83 33.43
C ASP B 97 22.45 -27.11 33.01
N ASP B 98 21.85 -28.26 33.33
CA ASP B 98 22.43 -29.55 32.99
C ASP B 98 21.73 -30.21 31.80
N TYR B 99 20.98 -29.42 31.03
CA TYR B 99 20.29 -29.95 29.86
C TYR B 99 20.12 -28.83 28.84
N ILE B 100 21.21 -28.54 28.13
CA ILE B 100 21.21 -27.52 27.10
C ILE B 100 21.13 -28.27 25.77
N MET B 101 20.16 -27.90 24.95
CA MET B 101 19.98 -28.54 23.65
C MET B 101 20.41 -27.68 22.49
N ASP B 102 21.23 -28.26 21.62
CA ASP B 102 21.69 -27.56 20.44
C ASP B 102 20.94 -28.17 19.26
N GLU B 103 21.20 -27.66 18.05
CA GLU B 103 20.51 -28.16 16.87
C GLU B 103 20.57 -29.68 16.70
N ASP B 104 21.74 -30.26 16.92
CA ASP B 104 21.89 -31.70 16.78
C ASP B 104 21.03 -32.51 17.74
N GLN B 105 20.96 -32.08 18.98
CA GLN B 105 20.15 -32.80 19.97
C GLN B 105 18.65 -32.68 19.67
N SER B 106 18.24 -31.53 19.13
CA SER B 106 16.83 -31.33 18.82
C SER B 106 16.37 -32.31 17.73
N LYS B 107 17.20 -32.49 16.70
CA LYS B 107 16.86 -33.40 15.62
C LYS B 107 16.73 -34.81 16.19
N LEU B 108 17.62 -35.16 17.11
CA LEU B 108 17.58 -36.49 17.72
C LEU B 108 16.32 -36.74 18.54
N ALA B 109 15.83 -35.72 19.23
CA ALA B 109 14.63 -35.87 20.05
C ALA B 109 13.37 -35.69 19.22
N GLY B 110 13.55 -35.24 17.97
CA GLY B 110 12.40 -35.02 17.11
C GLY B 110 11.73 -33.74 17.58
N LEU B 111 12.56 -32.79 17.99
CA LEU B 111 12.07 -31.51 18.49
C LEU B 111 12.68 -30.33 17.74
N LEU B 112 13.15 -30.56 16.52
CA LEU B 112 13.76 -29.48 15.73
C LEU B 112 12.80 -28.32 15.45
N ASP B 113 11.63 -28.62 14.92
CA ASP B 113 10.67 -27.57 14.59
C ASP B 113 10.17 -26.83 15.83
N LEU B 114 9.87 -27.57 16.89
CA LEU B 114 9.38 -26.93 18.10
C LEU B 114 10.47 -26.06 18.70
N ASN B 115 11.68 -26.61 18.81
CA ASN B 115 12.78 -25.85 19.39
C ASN B 115 13.16 -24.65 18.53
N ASN B 116 13.01 -24.75 17.21
CA ASN B 116 13.32 -23.62 16.34
C ASN B 116 12.28 -22.52 16.58
N ALA B 117 11.04 -22.92 16.85
CA ALA B 117 10.00 -21.94 17.13
C ALA B 117 10.34 -21.24 18.44
N ILE B 118 10.74 -22.01 19.44
CA ILE B 118 11.08 -21.42 20.74
C ILE B 118 12.25 -20.44 20.58
N LEU B 119 13.22 -20.79 19.74
CA LEU B 119 14.37 -19.92 19.49
C LEU B 119 13.94 -18.60 18.83
N GLN B 120 12.84 -18.64 18.09
CA GLN B 120 12.35 -17.41 17.44
C GLN B 120 11.99 -16.44 18.55
N LEU B 121 11.43 -16.98 19.64
CA LEU B 121 11.02 -16.18 20.79
C LEU B 121 12.28 -15.67 21.53
N VAL B 122 13.29 -16.53 21.64
CA VAL B 122 14.54 -16.13 22.28
C VAL B 122 15.14 -14.93 21.51
N LYS B 123 15.18 -15.07 20.19
CA LYS B 123 15.72 -14.05 19.30
C LYS B 123 15.10 -12.67 19.55
N LYS B 124 13.77 -12.61 19.62
CA LYS B 124 13.07 -11.36 19.85
C LYS B 124 13.46 -10.74 21.19
N TYR B 125 13.43 -11.54 22.25
CA TYR B 125 13.77 -11.03 23.57
C TYR B 125 15.24 -10.64 23.68
N LYS B 126 16.11 -11.34 22.96
CA LYS B 126 17.54 -11.00 22.98
C LYS B 126 17.74 -9.63 22.36
N SER B 127 17.03 -9.33 21.27
CA SER B 127 17.16 -8.05 20.60
C SER B 127 16.60 -6.90 21.42
N MET B 128 15.68 -7.21 22.32
CA MET B 128 15.06 -6.20 23.16
C MET B 128 15.85 -6.07 24.46
N LYS B 129 16.73 -7.02 24.71
CA LYS B 129 17.54 -7.03 25.93
C LYS B 129 16.62 -7.16 27.13
N LEU B 130 15.85 -8.24 27.14
CA LEU B 130 14.91 -8.53 28.19
C LEU B 130 15.61 -8.62 29.54
N GLU B 131 15.13 -7.81 30.48
CA GLU B 131 15.67 -7.79 31.83
C GLU B 131 14.86 -8.73 32.71
N LYS B 132 15.50 -9.18 33.78
CA LYS B 132 14.88 -10.10 34.72
C LYS B 132 13.57 -9.56 35.30
N GLU B 133 13.53 -8.26 35.55
CA GLU B 133 12.34 -7.61 36.11
C GLU B 133 11.16 -7.68 35.14
N GLU B 134 11.46 -7.57 33.85
CA GLU B 134 10.42 -7.61 32.83
C GLU B 134 9.96 -9.04 32.65
N PHE B 135 10.92 -9.96 32.75
CA PHE B 135 10.66 -11.39 32.63
C PHE B 135 9.67 -11.88 33.67
N VAL B 136 9.94 -11.61 34.95
CA VAL B 136 9.05 -12.06 36.00
C VAL B 136 7.68 -11.41 35.87
N THR B 137 7.64 -10.15 35.45
CA THR B 137 6.38 -9.45 35.30
C THR B 137 5.54 -10.02 34.15
N LEU B 138 6.18 -10.28 33.00
CA LEU B 138 5.47 -10.84 31.86
C LEU B 138 4.98 -12.24 32.18
N LYS B 139 5.77 -12.96 32.96
CA LYS B 139 5.40 -14.31 33.36
C LYS B 139 4.08 -14.28 34.16
N ALA B 140 3.98 -13.32 35.07
CA ALA B 140 2.77 -13.17 35.89
C ALA B 140 1.61 -12.74 35.02
N ILE B 141 1.88 -11.85 34.08
CA ILE B 141 0.85 -11.36 33.16
C ILE B 141 0.35 -12.50 32.26
N ALA B 142 1.26 -13.35 31.80
CA ALA B 142 0.88 -14.47 30.94
C ALA B 142 -0.11 -15.36 31.67
N LEU B 143 0.14 -15.57 32.97
CA LEU B 143 -0.74 -16.37 33.79
C LEU B 143 -2.12 -15.71 33.91
N ALA B 144 -2.13 -14.42 34.25
CA ALA B 144 -3.40 -13.71 34.44
C ALA B 144 -4.17 -13.47 33.14
N ASN B 145 -3.46 -13.32 32.03
CA ASN B 145 -4.07 -13.05 30.73
C ASN B 145 -4.20 -14.31 29.87
N SER B 146 -4.23 -15.50 30.50
CA SER B 146 -4.28 -16.78 29.78
C SER B 146 -5.59 -17.09 29.06
N ASP B 147 -6.60 -16.26 29.22
CA ASP B 147 -7.89 -16.42 28.52
C ASP B 147 -8.63 -17.77 28.67
N SER B 148 -8.62 -18.33 29.87
CA SER B 148 -9.35 -19.57 30.12
C SER B 148 -10.83 -19.31 29.85
N MET B 149 -11.51 -20.26 29.21
CA MET B 149 -12.92 -20.14 28.92
C MET B 149 -13.77 -20.49 30.14
N HIS B 150 -13.14 -20.93 31.22
CA HIS B 150 -13.85 -21.36 32.43
C HIS B 150 -13.87 -20.39 33.61
N ILE B 151 -13.39 -19.17 33.42
CA ILE B 151 -13.36 -18.22 34.53
C ILE B 151 -14.74 -17.87 35.05
N GLU B 152 -14.89 -17.95 36.38
CA GLU B 152 -16.14 -17.63 37.07
C GLU B 152 -16.21 -16.14 37.37
N ASP B 153 -15.16 -15.62 38.00
CA ASP B 153 -15.11 -14.20 38.37
C ASP B 153 -14.23 -13.42 37.40
N VAL B 154 -14.79 -13.08 36.25
CA VAL B 154 -14.06 -12.35 35.24
C VAL B 154 -13.52 -11.02 35.77
N GLU B 155 -14.37 -10.28 36.48
CA GLU B 155 -13.98 -9.00 37.02
C GLU B 155 -12.71 -9.10 37.88
N ALA B 156 -12.67 -10.10 38.76
CA ALA B 156 -11.51 -10.29 39.63
C ALA B 156 -10.26 -10.67 38.83
N VAL B 157 -10.43 -11.46 37.78
CA VAL B 157 -9.29 -11.86 36.97
C VAL B 157 -8.77 -10.62 36.25
N GLN B 158 -9.68 -9.79 35.76
CA GLN B 158 -9.28 -8.56 35.08
C GLN B 158 -8.55 -7.65 36.05
N LYS B 159 -8.96 -7.67 37.31
CA LYS B 159 -8.32 -6.87 38.34
C LYS B 159 -6.86 -7.31 38.49
N LEU B 160 -6.65 -8.63 38.52
CA LEU B 160 -5.30 -9.20 38.62
C LEU B 160 -4.44 -8.77 37.43
N GLN B 161 -5.02 -8.80 36.24
CA GLN B 161 -4.31 -8.41 35.02
C GLN B 161 -3.88 -6.95 35.13
N ASP B 162 -4.81 -6.12 35.62
CA ASP B 162 -4.57 -4.70 35.76
C ASP B 162 -3.49 -4.35 36.79
N VAL B 163 -3.43 -5.13 37.87
CA VAL B 163 -2.42 -4.91 38.90
C VAL B 163 -1.03 -5.19 38.34
N LEU B 164 -0.89 -6.30 37.60
CA LEU B 164 0.38 -6.69 37.01
C LEU B 164 0.77 -5.76 35.86
N HIS B 165 -0.23 -5.39 35.07
CA HIS B 165 -0.02 -4.48 33.94
C HIS B 165 0.46 -3.10 34.42
N GLU B 166 -0.12 -2.60 35.52
CA GLU B 166 0.28 -1.30 36.06
C GLU B 166 1.74 -1.37 36.51
N ALA B 167 2.10 -2.50 37.13
CA ALA B 167 3.45 -2.72 37.62
C ALA B 167 4.44 -2.69 36.46
N LEU B 168 4.07 -3.30 35.34
CA LEU B 168 4.95 -3.34 34.17
C LEU B 168 5.07 -1.94 33.59
N GLN B 169 3.93 -1.26 33.47
CA GLN B 169 3.87 0.09 32.93
C GLN B 169 4.70 1.03 33.82
N ASP B 170 4.56 0.89 35.14
CA ASP B 170 5.31 1.72 36.08
C ASP B 170 6.81 1.44 35.98
N TYR B 171 7.18 0.17 35.92
CA TYR B 171 8.57 -0.19 35.83
C TYR B 171 9.23 0.37 34.57
N GLU B 172 8.54 0.30 33.44
CA GLU B 172 9.10 0.79 32.18
C GLU B 172 9.24 2.31 32.18
N ALA B 173 8.33 2.99 32.87
CA ALA B 173 8.37 4.45 32.94
C ALA B 173 9.61 4.95 33.71
N GLY B 174 9.97 4.23 34.77
CA GLY B 174 11.12 4.63 35.55
C GLY B 174 12.45 4.18 35.00
N GLN B 175 12.53 2.91 34.60
CA GLN B 175 13.77 2.34 34.09
C GLN B 175 14.08 2.55 32.61
N HIS B 176 13.07 2.89 31.82
CA HIS B 176 13.28 3.06 30.38
C HIS B 176 12.58 4.27 29.78
N MET B 177 12.77 5.45 30.37
CA MET B 177 12.14 6.66 29.85
C MET B 177 12.68 6.94 28.45
N GLU B 178 13.71 6.19 28.06
CA GLU B 178 14.34 6.35 26.75
C GLU B 178 13.43 5.84 25.63
N ASP B 179 12.59 4.85 25.96
CA ASP B 179 11.66 4.26 25.00
C ASP B 179 10.29 4.27 25.66
N PRO B 180 9.48 5.30 25.36
CA PRO B 180 8.14 5.46 25.92
C PRO B 180 7.16 4.39 25.40
N ARG B 181 7.68 3.41 24.67
CA ARG B 181 6.84 2.36 24.13
C ARG B 181 7.33 0.97 24.51
N ARG B 182 8.27 0.88 25.44
CA ARG B 182 8.81 -0.41 25.82
C ARG B 182 7.81 -1.37 26.45
N ALA B 183 6.91 -0.85 27.27
CA ALA B 183 5.91 -1.69 27.92
C ALA B 183 5.01 -2.31 26.84
N GLY B 184 4.60 -1.50 25.87
CA GLY B 184 3.75 -2.00 24.80
C GLY B 184 4.45 -3.06 23.97
N LYS B 185 5.76 -2.88 23.75
CA LYS B 185 6.52 -3.83 22.97
C LYS B 185 6.62 -5.16 23.72
N MET B 186 6.73 -5.10 25.04
CA MET B 186 6.80 -6.30 25.85
C MET B 186 5.47 -7.04 25.73
N LEU B 187 4.38 -6.29 25.80
CA LEU B 187 3.07 -6.89 25.68
C LEU B 187 2.86 -7.50 24.29
N MET B 188 3.50 -6.92 23.28
CA MET B 188 3.36 -7.41 21.91
C MET B 188 4.09 -8.73 21.61
N THR B 189 4.86 -9.21 22.57
CA THR B 189 5.55 -10.50 22.40
C THR B 189 4.64 -11.62 22.91
N LEU B 190 3.58 -11.27 23.63
CA LEU B 190 2.67 -12.28 24.20
C LEU B 190 1.98 -13.19 23.17
N PRO B 191 1.63 -12.66 21.99
CA PRO B 191 0.98 -13.54 21.00
C PRO B 191 1.93 -14.64 20.54
N LEU B 192 3.19 -14.32 20.33
CA LEU B 192 4.14 -15.35 19.90
C LEU B 192 4.32 -16.36 21.02
N LEU B 193 4.29 -15.89 22.27
CA LEU B 193 4.43 -16.81 23.40
C LEU B 193 3.27 -17.82 23.41
N ARG B 194 2.05 -17.33 23.20
CA ARG B 194 0.83 -18.16 23.16
C ARG B 194 0.94 -19.16 21.99
N GLN B 195 1.34 -18.67 20.83
CA GLN B 195 1.47 -19.51 19.65
C GLN B 195 2.49 -20.65 19.85
N THR B 196 3.66 -20.32 20.38
CA THR B 196 4.71 -21.31 20.60
C THR B 196 4.28 -22.34 21.65
N SER B 197 3.60 -21.88 22.70
CA SER B 197 3.14 -22.76 23.75
C SER B 197 2.09 -23.73 23.21
N THR B 198 1.27 -23.24 22.31
CA THR B 198 0.24 -24.09 21.72
C THR B 198 0.92 -25.20 20.91
N LYS B 199 1.95 -24.85 20.13
CA LYS B 199 2.69 -25.83 19.35
C LYS B 199 3.35 -26.85 20.29
N ALA B 200 3.84 -26.37 21.43
CA ALA B 200 4.48 -27.26 22.39
C ALA B 200 3.48 -28.26 22.93
N VAL B 201 2.33 -27.76 23.37
CA VAL B 201 1.28 -28.62 23.92
C VAL B 201 0.79 -29.63 22.89
N GLN B 202 0.65 -29.20 21.64
CA GLN B 202 0.20 -30.10 20.60
C GLN B 202 1.21 -31.23 20.42
N HIS B 203 2.49 -30.87 20.45
CA HIS B 203 3.57 -31.85 20.31
C HIS B 203 3.53 -32.82 21.49
N PHE B 204 3.33 -32.25 22.69
CA PHE B 204 3.27 -33.03 23.92
C PHE B 204 2.16 -34.08 23.91
N TYR B 205 0.93 -33.66 23.64
CA TYR B 205 -0.19 -34.58 23.63
C TYR B 205 -0.13 -35.61 22.50
N ASN B 206 0.61 -35.30 21.43
CA ASN B 206 0.74 -36.25 20.33
C ASN B 206 1.64 -37.40 20.79
N ILE B 207 2.67 -37.03 21.54
CA ILE B 207 3.61 -37.99 22.08
C ILE B 207 2.88 -38.91 23.07
N LYS B 208 1.97 -38.34 23.86
CA LYS B 208 1.19 -39.15 24.81
C LYS B 208 0.29 -40.07 24.00
N LEU B 209 -0.48 -39.48 23.09
CA LEU B 209 -1.39 -40.21 22.22
C LEU B 209 -0.69 -41.40 21.58
N GLU B 210 0.55 -41.18 21.16
CA GLU B 210 1.34 -42.24 20.54
C GLU B 210 1.94 -43.16 21.59
N GLY B 211 1.75 -42.83 22.87
CA GLY B 211 2.30 -43.64 23.94
C GLY B 211 3.80 -43.83 23.83
N LYS B 212 4.44 -42.96 23.05
CA LYS B 212 5.88 -42.99 22.80
C LYS B 212 6.75 -42.97 24.09
N VAL B 213 6.28 -42.29 25.15
CA VAL B 213 7.00 -42.21 26.43
C VAL B 213 6.32 -43.02 27.56
N PRO B 214 7.09 -43.90 28.23
CA PRO B 214 6.58 -44.72 29.32
C PRO B 214 5.98 -43.81 30.37
N MET B 215 4.67 -43.61 30.26
CA MET B 215 3.96 -42.69 31.14
C MET B 215 3.39 -43.35 32.40
N HIS B 216 3.97 -43.00 33.54
CA HIS B 216 3.49 -43.49 34.82
C HIS B 216 2.48 -42.48 35.34
N LYS B 217 2.59 -42.15 36.62
CA LYS B 217 1.67 -41.16 37.15
C LYS B 217 0.32 -41.76 37.51
N LEU B 218 0.27 -43.08 37.71
CA LEU B 218 -0.99 -43.72 38.10
C LEU B 218 -1.75 -44.23 36.89
N PHE B 219 -1.39 -43.74 35.70
CA PHE B 219 -2.06 -44.21 34.50
C PHE B 219 -2.50 -45.67 34.64
N TYR C 3 -16.96 15.93 -43.20
CA TYR C 3 -16.57 17.04 -44.05
C TYR C 3 -16.04 18.20 -43.23
N ASN C 4 -14.73 18.46 -43.33
CA ASN C 4 -14.03 19.49 -42.59
C ASN C 4 -12.83 19.93 -43.43
N LYS C 5 -12.74 21.23 -43.70
CA LYS C 5 -11.66 21.77 -44.52
C LYS C 5 -10.25 21.64 -43.94
N ILE C 6 -10.11 21.92 -42.65
CA ILE C 6 -8.80 21.83 -42.01
C ILE C 6 -8.33 20.37 -42.09
N VAL C 7 -9.19 19.45 -41.65
CA VAL C 7 -8.84 18.03 -41.68
C VAL C 7 -8.52 17.63 -43.12
N SER C 8 -9.32 18.14 -44.06
CA SER C 8 -9.11 17.86 -45.47
C SER C 8 -7.66 18.18 -45.85
N HIS C 9 -7.23 19.40 -45.54
CA HIS C 9 -5.88 19.85 -45.85
C HIS C 9 -4.80 19.03 -45.14
N LEU C 10 -5.15 18.43 -44.00
CA LEU C 10 -4.18 17.62 -43.25
C LEU C 10 -3.99 16.24 -43.87
N LEU C 11 -5.08 15.63 -44.33
CA LEU C 11 -4.96 14.31 -44.94
C LEU C 11 -4.15 14.42 -46.22
N VAL C 12 -4.30 15.52 -46.93
CA VAL C 12 -3.58 15.75 -48.17
C VAL C 12 -2.09 16.02 -47.91
N ALA C 13 -1.78 16.46 -46.69
CA ALA C 13 -0.42 16.76 -46.31
C ALA C 13 0.32 15.54 -45.76
N GLU C 14 -0.42 14.47 -45.50
CA GLU C 14 0.17 13.24 -44.97
C GLU C 14 1.29 12.75 -45.88
N PRO C 15 2.52 12.64 -45.35
CA PRO C 15 3.68 12.20 -46.11
C PRO C 15 3.67 10.75 -46.58
N GLU C 16 4.53 10.45 -47.54
CA GLU C 16 4.65 9.11 -48.08
C GLU C 16 5.32 8.25 -47.03
N LYS C 17 5.28 6.93 -47.22
CA LYS C 17 5.91 6.01 -46.28
C LYS C 17 7.41 6.17 -46.25
N ILE C 18 7.99 5.85 -45.09
CA ILE C 18 9.43 5.92 -44.87
C ILE C 18 9.83 4.53 -44.39
N TYR C 19 10.87 3.97 -44.97
CA TYR C 19 11.33 2.63 -44.59
C TYR C 19 12.55 2.65 -43.66
N ALA C 20 12.62 1.65 -42.78
CA ALA C 20 13.72 1.55 -41.84
C ALA C 20 14.99 1.17 -42.57
N MET C 21 14.87 0.19 -43.47
CA MET C 21 16.02 -0.27 -44.24
C MET C 21 17.18 -0.74 -43.37
N PRO C 22 16.93 -1.74 -42.49
CA PRO C 22 18.01 -2.23 -41.62
C PRO C 22 19.18 -2.76 -42.46
N ASP C 23 20.40 -2.48 -42.01
CA ASP C 23 21.60 -2.89 -42.71
C ASP C 23 21.80 -4.41 -42.67
N PRO C 24 21.65 -5.06 -43.83
CA PRO C 24 21.81 -6.51 -43.89
C PRO C 24 23.23 -7.03 -43.66
N THR C 25 24.23 -6.16 -43.75
CA THR C 25 25.61 -6.60 -43.52
C THR C 25 26.01 -6.50 -42.04
N VAL C 26 25.05 -6.13 -41.20
CA VAL C 26 25.30 -5.99 -39.76
C VAL C 26 24.47 -7.02 -39.01
N PRO C 27 25.12 -7.89 -38.22
CA PRO C 27 24.37 -8.91 -37.47
C PRO C 27 23.46 -8.26 -36.45
N ASP C 28 22.29 -8.85 -36.23
CA ASP C 28 21.36 -8.30 -35.27
C ASP C 28 21.96 -8.13 -33.87
N SER C 29 21.64 -6.99 -33.27
CA SER C 29 22.12 -6.67 -31.93
C SER C 29 21.29 -5.49 -31.46
N ASP C 30 21.46 -5.12 -30.19
CA ASP C 30 20.76 -3.99 -29.61
C ASP C 30 21.25 -2.75 -30.35
N ILE C 31 22.55 -2.72 -30.62
CA ILE C 31 23.16 -1.59 -31.32
C ILE C 31 22.58 -1.44 -32.73
N LYS C 32 22.35 -2.56 -33.42
CA LYS C 32 21.79 -2.50 -34.75
C LYS C 32 20.38 -1.90 -34.68
N ALA C 33 19.57 -2.40 -33.75
CA ALA C 33 18.22 -1.91 -33.57
C ALA C 33 18.20 -0.40 -33.30
N LEU C 34 19.00 0.03 -32.32
CA LEU C 34 19.05 1.45 -31.99
C LEU C 34 19.53 2.26 -33.20
N THR C 35 20.53 1.75 -33.91
CA THR C 35 21.02 2.46 -35.08
C THR C 35 19.92 2.59 -36.15
N THR C 36 19.21 1.50 -36.41
CA THR C 36 18.14 1.50 -37.39
C THR C 36 17.07 2.51 -37.00
N LEU C 37 16.61 2.44 -35.76
CA LEU C 37 15.59 3.36 -35.28
C LEU C 37 16.00 4.82 -35.36
N CYS C 38 17.26 5.13 -35.03
CA CYS C 38 17.76 6.51 -35.08
C CYS C 38 17.83 7.02 -36.51
N ASP C 39 18.33 6.19 -37.43
CA ASP C 39 18.40 6.60 -38.83
C ASP C 39 16.97 6.82 -39.35
N LEU C 40 16.07 5.95 -38.94
CA LEU C 40 14.66 6.05 -39.36
C LEU C 40 14.06 7.37 -38.90
N ALA C 41 14.21 7.68 -37.62
CA ALA C 41 13.66 8.90 -37.07
C ALA C 41 14.30 10.13 -37.70
N ASP C 42 15.58 10.02 -38.03
CA ASP C 42 16.28 11.14 -38.65
C ASP C 42 15.62 11.49 -39.99
N ARG C 43 15.30 10.47 -40.77
CA ARG C 43 14.67 10.71 -42.05
C ARG C 43 13.20 11.11 -41.90
N GLU C 44 12.52 10.58 -40.88
CA GLU C 44 11.12 10.96 -40.68
C GLU C 44 11.09 12.42 -40.29
N LEU C 45 12.12 12.87 -39.58
CA LEU C 45 12.19 14.24 -39.15
C LEU C 45 12.30 15.23 -40.30
N VAL C 46 13.03 14.86 -41.35
CA VAL C 46 13.18 15.74 -42.50
C VAL C 46 11.79 15.97 -43.09
N VAL C 47 11.05 14.89 -43.17
CA VAL C 47 9.68 14.87 -43.69
C VAL C 47 8.72 15.67 -42.81
N ILE C 48 8.83 15.52 -41.50
CA ILE C 48 7.95 16.22 -40.58
C ILE C 48 8.09 17.73 -40.71
N ILE C 49 9.30 18.22 -40.92
CA ILE C 49 9.51 19.66 -41.08
C ILE C 49 8.71 20.19 -42.28
N GLY C 50 8.81 19.47 -43.40
CA GLY C 50 8.09 19.87 -44.60
C GLY C 50 6.60 19.69 -44.42
N TRP C 51 6.22 18.66 -43.66
CA TRP C 51 4.82 18.37 -43.39
C TRP C 51 4.18 19.47 -42.57
N ALA C 52 4.92 19.99 -41.60
CA ALA C 52 4.43 21.05 -40.73
C ALA C 52 4.02 22.29 -41.50
N LYS C 53 4.80 22.62 -42.53
CA LYS C 53 4.55 23.78 -43.37
C LYS C 53 3.16 23.74 -43.98
N HIS C 54 2.68 22.54 -44.29
CA HIS C 54 1.36 22.37 -44.89
C HIS C 54 0.22 22.41 -43.89
N ILE C 55 0.51 22.75 -42.63
CA ILE C 55 -0.53 22.84 -41.62
C ILE C 55 -1.08 24.26 -41.65
N PRO C 56 -2.39 24.41 -41.83
CA PRO C 56 -3.03 25.73 -41.89
C PRO C 56 -2.70 26.66 -40.73
N GLY C 57 -1.93 27.71 -41.00
CA GLY C 57 -1.58 28.68 -39.98
C GLY C 57 -0.16 28.57 -39.46
N PHE C 58 0.45 27.40 -39.63
CA PHE C 58 1.81 27.17 -39.15
C PHE C 58 2.86 28.11 -39.77
N SER C 59 2.96 28.07 -41.09
CA SER C 59 3.93 28.89 -41.84
C SER C 59 3.82 30.38 -41.53
N THR C 60 2.65 30.81 -41.10
CA THR C 60 2.43 32.20 -40.78
C THR C 60 3.15 32.65 -39.51
N LEU C 61 3.63 31.68 -38.73
CA LEU C 61 4.34 31.99 -37.48
C LEU C 61 5.77 32.38 -37.79
N SER C 62 6.44 33.03 -36.84
CA SER C 62 7.83 33.41 -37.05
C SER C 62 8.59 32.10 -37.21
N LEU C 63 9.74 32.14 -37.87
CA LEU C 63 10.53 30.94 -38.07
C LEU C 63 11.00 30.39 -36.73
N ALA C 64 11.31 31.28 -35.80
CA ALA C 64 11.78 30.88 -34.47
C ALA C 64 10.67 30.13 -33.73
N ASP C 65 9.42 30.57 -33.92
CA ASP C 65 8.28 29.94 -33.27
C ASP C 65 7.96 28.59 -33.90
N GLN C 66 8.09 28.49 -35.23
CA GLN C 66 7.83 27.22 -35.90
C GLN C 66 8.84 26.20 -35.40
N MET C 67 10.07 26.67 -35.19
CA MET C 67 11.14 25.80 -34.71
C MET C 67 10.97 25.40 -33.25
N SER C 68 10.47 26.31 -32.44
CA SER C 68 10.26 26.01 -31.03
C SER C 68 9.19 24.93 -30.86
N LEU C 69 8.16 24.99 -31.70
CA LEU C 69 7.09 24.01 -31.63
C LEU C 69 7.66 22.64 -32.04
N LEU C 70 8.43 22.64 -33.11
CA LEU C 70 9.05 21.41 -33.59
C LEU C 70 10.03 20.87 -32.55
N GLN C 71 10.77 21.75 -31.90
CA GLN C 71 11.73 21.36 -30.88
C GLN C 71 11.02 20.61 -29.76
N SER C 72 9.90 21.18 -29.33
CA SER C 72 9.13 20.61 -28.23
C SER C 72 8.25 19.42 -28.58
N ALA C 73 7.86 19.27 -29.84
CA ALA C 73 6.94 18.19 -30.16
C ALA C 73 7.43 17.13 -31.17
N TRP C 74 8.69 17.11 -31.59
CA TRP C 74 9.04 16.10 -32.61
C TRP C 74 8.85 14.64 -32.18
N MET C 75 9.14 14.30 -30.94
CA MET C 75 8.96 12.93 -30.50
C MET C 75 7.49 12.54 -30.39
N GLU C 76 6.66 13.47 -29.96
CA GLU C 76 5.23 13.18 -29.86
C GLU C 76 4.70 12.87 -31.27
N ILE C 77 5.15 13.62 -32.26
CA ILE C 77 4.71 13.40 -33.63
C ILE C 77 5.22 12.05 -34.15
N LEU C 78 6.48 11.73 -33.87
CA LEU C 78 7.02 10.43 -34.31
C LEU C 78 6.25 9.30 -33.64
N ILE C 79 6.05 9.42 -32.33
CA ILE C 79 5.34 8.39 -31.55
C ILE C 79 3.90 8.18 -32.02
N LEU C 80 3.19 9.26 -32.30
CA LEU C 80 1.81 9.14 -32.78
C LEU C 80 1.78 8.34 -34.08
N GLY C 81 2.77 8.54 -34.94
CA GLY C 81 2.82 7.80 -36.19
C GLY C 81 2.97 6.31 -35.97
N VAL C 82 3.89 5.92 -35.09
CA VAL C 82 4.12 4.52 -34.78
C VAL C 82 2.86 3.90 -34.20
N VAL C 83 2.22 4.64 -33.31
CA VAL C 83 1.00 4.19 -32.66
C VAL C 83 -0.11 3.92 -33.68
N TYR C 84 -0.28 4.82 -34.64
CA TYR C 84 -1.30 4.66 -35.67
C TYR C 84 -1.02 3.51 -36.62
N ARG C 85 0.24 3.33 -37.01
CA ARG C 85 0.58 2.25 -37.93
C ARG C 85 0.49 0.90 -37.24
N SER C 86 0.33 0.91 -35.91
CA SER C 86 0.26 -0.32 -35.13
C SER C 86 -1.16 -0.72 -34.71
N LEU C 87 -2.13 0.17 -34.93
CA LEU C 87 -3.52 -0.10 -34.54
C LEU C 87 -4.01 -1.41 -35.11
N SER C 88 -3.64 -1.66 -36.36
CA SER C 88 -4.00 -2.86 -37.09
C SER C 88 -3.32 -4.13 -36.58
N PHE C 89 -2.37 -3.97 -35.65
CA PHE C 89 -1.63 -5.11 -35.11
C PHE C 89 -1.91 -5.36 -33.64
N GLU C 90 -1.32 -6.43 -33.11
CA GLU C 90 -1.50 -6.81 -31.71
C GLU C 90 -0.15 -7.07 -31.03
N ASP C 91 0.16 -6.29 -30.01
CA ASP C 91 1.41 -6.43 -29.26
C ASP C 91 2.68 -6.27 -30.09
N GLU C 92 2.59 -5.47 -31.14
CA GLU C 92 3.73 -5.20 -32.01
C GLU C 92 3.69 -3.74 -32.39
N LEU C 93 4.86 -3.16 -32.63
CA LEU C 93 4.93 -1.77 -33.02
C LEU C 93 5.48 -1.66 -34.43
N VAL C 94 4.69 -1.04 -35.30
CA VAL C 94 5.10 -0.85 -36.69
C VAL C 94 5.87 0.46 -36.86
N TYR C 95 7.15 0.45 -36.51
CA TYR C 95 7.99 1.63 -36.68
C TYR C 95 8.08 1.94 -38.17
N ALA C 96 8.02 0.89 -38.98
CA ALA C 96 8.05 1.03 -40.43
C ALA C 96 7.52 -0.28 -40.99
N ASP C 97 7.04 -0.26 -42.23
CA ASP C 97 6.51 -1.48 -42.83
C ASP C 97 7.58 -2.56 -42.80
N ASP C 98 8.84 -2.14 -42.90
CA ASP C 98 9.95 -3.08 -42.89
C ASP C 98 10.65 -3.18 -41.53
N TYR C 99 10.00 -2.70 -40.49
CA TYR C 99 10.56 -2.78 -39.15
C TYR C 99 9.44 -2.84 -38.13
N ILE C 100 8.97 -4.05 -37.89
CA ILE C 100 7.89 -4.29 -36.95
C ILE C 100 8.53 -5.00 -35.76
N MET C 101 8.38 -4.42 -34.58
CA MET C 101 8.98 -5.00 -33.37
C MET C 101 7.97 -5.63 -32.42
N ASP C 102 8.18 -6.90 -32.12
CA ASP C 102 7.31 -7.60 -31.19
C ASP C 102 8.02 -7.65 -29.84
N GLU C 103 7.44 -8.35 -28.87
CA GLU C 103 8.03 -8.41 -27.54
C GLU C 103 9.48 -8.90 -27.51
N ASP C 104 9.80 -9.94 -28.26
CA ASP C 104 11.15 -10.49 -28.27
C ASP C 104 12.17 -9.51 -28.84
N GLN C 105 11.85 -8.92 -29.97
CA GLN C 105 12.73 -7.96 -30.60
C GLN C 105 12.94 -6.75 -29.68
N SER C 106 11.88 -6.35 -28.97
CA SER C 106 11.97 -5.21 -28.06
C SER C 106 12.93 -5.52 -26.91
N LYS C 107 12.98 -6.79 -26.52
CA LYS C 107 13.86 -7.19 -25.44
C LYS C 107 15.32 -7.13 -25.86
N LEU C 108 15.64 -7.77 -26.99
CA LEU C 108 17.01 -7.77 -27.48
C LEU C 108 17.57 -6.37 -27.65
N ALA C 109 16.71 -5.42 -28.03
CA ALA C 109 17.12 -4.04 -28.25
C ALA C 109 17.17 -3.20 -26.98
N GLY C 110 16.69 -3.75 -25.88
CA GLY C 110 16.69 -3.00 -24.63
C GLY C 110 15.63 -1.92 -24.66
N LEU C 111 14.52 -2.22 -25.33
CA LEU C 111 13.42 -1.27 -25.45
C LEU C 111 12.10 -1.84 -24.93
N LEU C 112 12.17 -2.90 -24.13
CA LEU C 112 10.95 -3.52 -23.61
C LEU C 112 10.04 -2.54 -22.86
N ASP C 113 10.60 -1.82 -21.90
CA ASP C 113 9.82 -0.87 -21.12
C ASP C 113 9.26 0.27 -21.97
N LEU C 114 10.08 0.78 -22.88
CA LEU C 114 9.65 1.88 -23.73
C LEU C 114 8.57 1.44 -24.71
N ASN C 115 8.78 0.32 -25.38
CA ASN C 115 7.80 -0.19 -26.33
C ASN C 115 6.49 -0.60 -25.65
N ASN C 116 6.56 -1.07 -24.42
CA ASN C 116 5.35 -1.43 -23.69
C ASN C 116 4.56 -0.17 -23.39
N ALA C 117 5.26 0.89 -23.01
CA ALA C 117 4.59 2.15 -22.72
C ALA C 117 3.90 2.65 -24.00
N ILE C 118 4.57 2.48 -25.13
CA ILE C 118 3.99 2.90 -26.39
C ILE C 118 2.78 2.04 -26.73
N LEU C 119 2.88 0.74 -26.43
CA LEU C 119 1.78 -0.19 -26.68
C LEU C 119 0.55 0.21 -25.88
N GLN C 120 0.78 0.75 -24.69
CA GLN C 120 -0.30 1.20 -23.81
C GLN C 120 -1.10 2.27 -24.57
N LEU C 121 -0.38 3.16 -25.26
CA LEU C 121 -1.05 4.22 -26.02
C LEU C 121 -1.77 3.58 -27.23
N VAL C 122 -1.15 2.58 -27.84
CA VAL C 122 -1.76 1.90 -28.97
C VAL C 122 -3.07 1.27 -28.50
N LYS C 123 -2.99 0.57 -27.38
CA LYS C 123 -4.16 -0.08 -26.82
C LYS C 123 -5.33 0.87 -26.62
N LYS C 124 -5.08 2.05 -26.04
CA LYS C 124 -6.17 2.98 -25.79
C LYS C 124 -6.80 3.45 -27.10
N TYR C 125 -5.97 3.82 -28.08
CA TYR C 125 -6.50 4.30 -29.35
C TYR C 125 -7.23 3.19 -30.09
N LYS C 126 -6.78 1.95 -29.87
CA LYS C 126 -7.42 0.81 -30.52
C LYS C 126 -8.82 0.64 -29.94
N SER C 127 -8.94 0.72 -28.62
CA SER C 127 -10.24 0.56 -27.98
C SER C 127 -11.20 1.65 -28.42
N MET C 128 -10.66 2.78 -28.88
CA MET C 128 -11.46 3.91 -29.32
C MET C 128 -11.68 3.89 -30.82
N LYS C 129 -11.01 2.96 -31.50
CA LYS C 129 -11.11 2.84 -32.96
C LYS C 129 -10.72 4.16 -33.62
N LEU C 130 -9.51 4.62 -33.31
CA LEU C 130 -8.99 5.88 -33.86
C LEU C 130 -9.02 5.86 -35.38
N GLU C 131 -9.39 6.99 -35.96
CA GLU C 131 -9.48 7.14 -37.41
C GLU C 131 -8.37 8.01 -37.98
N LYS C 132 -8.08 7.81 -39.26
CA LYS C 132 -7.04 8.58 -39.94
C LYS C 132 -7.27 10.07 -39.80
N GLU C 133 -8.53 10.49 -39.91
CA GLU C 133 -8.89 11.90 -39.80
C GLU C 133 -8.58 12.43 -38.40
N GLU C 134 -8.82 11.60 -37.40
CA GLU C 134 -8.58 11.97 -36.02
C GLU C 134 -7.07 11.94 -35.79
N PHE C 135 -6.42 10.90 -36.31
CA PHE C 135 -4.98 10.75 -36.19
C PHE C 135 -4.22 11.98 -36.71
N VAL C 136 -4.45 12.35 -37.96
CA VAL C 136 -3.75 13.50 -38.54
C VAL C 136 -4.05 14.81 -37.83
N THR C 137 -5.26 14.91 -37.26
CA THR C 137 -5.66 16.10 -36.55
C THR C 137 -4.99 16.18 -35.18
N LEU C 138 -4.77 15.02 -34.57
CA LEU C 138 -4.11 14.97 -33.26
C LEU C 138 -2.63 15.30 -33.41
N LYS C 139 -1.99 14.84 -34.49
CA LYS C 139 -0.57 15.15 -34.71
C LYS C 139 -0.40 16.67 -34.82
N ALA C 140 -1.31 17.32 -35.53
CA ALA C 140 -1.21 18.77 -35.70
C ALA C 140 -1.48 19.46 -34.36
N ILE C 141 -2.44 18.93 -33.60
CA ILE C 141 -2.74 19.53 -32.31
C ILE C 141 -1.57 19.37 -31.36
N ALA C 142 -0.94 18.20 -31.39
CA ALA C 142 0.21 17.92 -30.53
C ALA C 142 1.32 18.92 -30.81
N LEU C 143 1.55 19.19 -32.10
CA LEU C 143 2.58 20.15 -32.50
C LEU C 143 2.23 21.55 -31.98
N ALA C 144 1.00 21.98 -32.22
CA ALA C 144 0.55 23.29 -31.80
C ALA C 144 0.47 23.46 -30.29
N ASN C 145 0.19 22.38 -29.57
CA ASN C 145 0.03 22.43 -28.12
C ASN C 145 1.22 21.90 -27.34
N SER C 146 2.38 21.84 -27.97
CA SER C 146 3.60 21.27 -27.39
C SER C 146 4.19 21.99 -26.15
N ASP C 147 3.66 23.14 -25.77
CA ASP C 147 4.08 23.90 -24.59
C ASP C 147 5.56 24.35 -24.55
N SER C 148 6.16 24.73 -25.68
CA SER C 148 7.55 25.20 -25.63
C SER C 148 7.63 26.43 -24.71
N MET C 149 8.78 26.66 -24.10
CA MET C 149 8.95 27.80 -23.21
C MET C 149 9.57 28.98 -23.95
N HIS C 150 9.87 28.79 -25.23
CA HIS C 150 10.51 29.83 -26.03
C HIS C 150 9.60 30.51 -27.03
N ILE C 151 8.29 30.39 -26.84
CA ILE C 151 7.38 31.01 -27.78
C ILE C 151 7.46 32.53 -27.68
N GLU C 152 7.47 33.20 -28.83
CA GLU C 152 7.52 34.65 -28.86
C GLU C 152 6.11 35.20 -29.03
N ASP C 153 5.35 34.59 -29.92
CA ASP C 153 3.98 35.03 -30.18
C ASP C 153 2.92 34.08 -29.61
N VAL C 154 2.67 34.18 -28.32
CA VAL C 154 1.69 33.33 -27.64
C VAL C 154 0.30 33.35 -28.26
N GLU C 155 -0.21 34.56 -28.55
CA GLU C 155 -1.54 34.71 -29.14
C GLU C 155 -1.63 33.96 -30.46
N ALA C 156 -0.60 34.09 -31.30
CA ALA C 156 -0.56 33.43 -32.59
C ALA C 156 -0.59 31.91 -32.43
N VAL C 157 0.25 31.38 -31.55
CA VAL C 157 0.26 29.94 -31.34
C VAL C 157 -1.09 29.49 -30.79
N GLN C 158 -1.65 30.29 -29.88
CA GLN C 158 -2.96 29.93 -29.33
C GLN C 158 -4.02 29.93 -30.41
N LYS C 159 -3.89 30.84 -31.38
CA LYS C 159 -4.85 30.88 -32.48
C LYS C 159 -4.78 29.58 -33.27
N LEU C 160 -3.55 29.10 -33.53
CA LEU C 160 -3.35 27.86 -34.26
C LEU C 160 -3.96 26.69 -33.51
N GLN C 161 -3.75 26.64 -32.19
CA GLN C 161 -4.32 25.58 -31.37
C GLN C 161 -5.83 25.62 -31.57
N ASP C 162 -6.37 26.84 -31.58
CA ASP C 162 -7.80 27.07 -31.75
C ASP C 162 -8.40 26.49 -33.03
N VAL C 163 -7.84 26.84 -34.19
CA VAL C 163 -8.39 26.35 -35.45
C VAL C 163 -8.28 24.83 -35.56
N LEU C 164 -7.20 24.26 -35.07
CA LEU C 164 -7.03 22.81 -35.11
C LEU C 164 -8.04 22.17 -34.17
N HIS C 165 -8.20 22.76 -32.99
CA HIS C 165 -9.15 22.29 -31.98
C HIS C 165 -10.56 22.35 -32.58
N GLU C 166 -10.86 23.46 -33.25
CA GLU C 166 -12.16 23.65 -33.88
C GLU C 166 -12.43 22.58 -34.94
N ALA C 167 -11.39 22.23 -35.69
CA ALA C 167 -11.52 21.21 -36.72
C ALA C 167 -11.83 19.85 -36.10
N LEU C 168 -11.20 19.56 -34.97
CA LEU C 168 -11.42 18.30 -34.29
C LEU C 168 -12.87 18.25 -33.79
N GLN C 169 -13.34 19.39 -33.27
CA GLN C 169 -14.70 19.48 -32.76
C GLN C 169 -15.73 19.32 -33.89
N ASP C 170 -15.46 19.97 -35.02
CA ASP C 170 -16.38 19.89 -36.17
C ASP C 170 -16.46 18.48 -36.74
N TYR C 171 -15.31 17.85 -36.92
CA TYR C 171 -15.27 16.50 -37.46
C TYR C 171 -16.07 15.54 -36.58
N GLU C 172 -15.85 15.64 -35.28
CA GLU C 172 -16.52 14.79 -34.31
C GLU C 172 -18.01 15.08 -34.26
N ALA C 173 -18.38 16.34 -34.49
CA ALA C 173 -19.77 16.75 -34.47
C ALA C 173 -20.54 16.19 -35.67
N GLY C 174 -19.93 16.27 -36.85
CA GLY C 174 -20.58 15.77 -38.04
C GLY C 174 -20.39 14.29 -38.32
N GLN C 175 -19.29 13.72 -37.86
CA GLN C 175 -18.99 12.31 -38.11
C GLN C 175 -19.25 11.38 -36.94
N HIS C 176 -19.48 11.92 -35.75
CA HIS C 176 -19.70 11.08 -34.57
C HIS C 176 -20.78 11.52 -33.60
N MET C 177 -21.97 11.82 -34.14
CA MET C 177 -23.11 12.25 -33.33
C MET C 177 -23.47 11.27 -32.21
N GLU C 178 -23.08 10.00 -32.36
CA GLU C 178 -23.39 8.99 -31.35
C GLU C 178 -22.68 9.16 -30.00
N ASP C 179 -21.71 10.07 -29.97
CA ASP C 179 -20.97 10.34 -28.73
C ASP C 179 -20.61 11.82 -28.71
N PRO C 180 -21.42 12.64 -28.02
CA PRO C 180 -21.17 14.08 -27.94
C PRO C 180 -19.85 14.44 -27.25
N ARG C 181 -19.15 13.43 -26.73
CA ARG C 181 -17.89 13.67 -26.03
C ARG C 181 -16.68 12.96 -26.64
N ARG C 182 -16.73 12.64 -27.93
CA ARG C 182 -15.60 11.95 -28.54
C ARG C 182 -14.40 12.89 -28.67
N ALA C 183 -14.67 14.15 -29.00
CA ALA C 183 -13.60 15.12 -29.15
C ALA C 183 -12.77 15.25 -27.86
N GLY C 184 -13.48 15.40 -26.75
CA GLY C 184 -12.82 15.51 -25.46
C GLY C 184 -12.03 14.27 -25.11
N LYS C 185 -12.57 13.11 -25.46
CA LYS C 185 -11.90 11.84 -25.18
C LYS C 185 -10.59 11.74 -25.96
N MET C 186 -10.59 12.30 -27.17
CA MET C 186 -9.37 12.29 -28.00
C MET C 186 -8.35 13.22 -27.38
N LEU C 187 -8.82 14.36 -26.86
CA LEU C 187 -7.90 15.30 -26.23
C LEU C 187 -7.32 14.69 -24.96
N MET C 188 -8.13 13.90 -24.26
CA MET C 188 -7.69 13.28 -23.01
C MET C 188 -6.63 12.20 -23.19
N THR C 189 -6.23 11.92 -24.42
CA THR C 189 -5.18 10.95 -24.68
C THR C 189 -3.82 11.65 -24.77
N LEU C 190 -3.84 12.97 -24.93
CA LEU C 190 -2.63 13.76 -25.09
C LEU C 190 -1.65 13.69 -23.91
N PRO C 191 -2.15 13.58 -22.67
CA PRO C 191 -1.21 13.50 -21.54
C PRO C 191 -0.34 12.26 -21.67
N LEU C 192 -0.93 11.12 -22.00
CA LEU C 192 -0.19 9.88 -22.16
C LEU C 192 0.79 9.99 -23.33
N LEU C 193 0.37 10.65 -24.42
CA LEU C 193 1.27 10.81 -25.55
C LEU C 193 2.50 11.58 -25.08
N ARG C 194 2.26 12.68 -24.37
CA ARG C 194 3.32 13.55 -23.82
C ARG C 194 4.24 12.76 -22.87
N GLN C 195 3.62 11.98 -21.99
CA GLN C 195 4.34 11.18 -21.01
C GLN C 195 5.24 10.16 -21.71
N THR C 196 4.67 9.46 -22.69
CA THR C 196 5.41 8.45 -23.44
C THR C 196 6.57 9.07 -24.25
N SER C 197 6.33 10.23 -24.84
CA SER C 197 7.36 10.86 -25.63
C SER C 197 8.52 11.33 -24.77
N THR C 198 8.23 11.75 -23.54
CA THR C 198 9.27 12.21 -22.62
C THR C 198 10.15 11.03 -22.25
N LYS C 199 9.51 9.88 -22.06
CA LYS C 199 10.24 8.65 -21.74
C LYS C 199 11.12 8.26 -22.93
N ALA C 200 10.57 8.37 -24.13
CA ALA C 200 11.31 8.03 -25.35
C ALA C 200 12.53 8.93 -25.51
N VAL C 201 12.34 10.23 -25.33
CA VAL C 201 13.43 11.17 -25.47
C VAL C 201 14.48 11.00 -24.39
N GLN C 202 14.06 10.59 -23.19
CA GLN C 202 15.03 10.37 -22.13
C GLN C 202 15.88 9.16 -22.51
N HIS C 203 15.23 8.11 -23.00
CA HIS C 203 15.93 6.90 -23.42
C HIS C 203 16.88 7.27 -24.56
N PHE C 204 16.39 8.09 -25.48
CA PHE C 204 17.19 8.53 -26.62
C PHE C 204 18.48 9.25 -26.19
N TYR C 205 18.33 10.27 -25.35
CA TYR C 205 19.49 11.03 -24.88
C TYR C 205 20.44 10.20 -24.03
N ASN C 206 19.91 9.16 -23.39
CA ASN C 206 20.73 8.28 -22.58
C ASN C 206 21.64 7.49 -23.51
N ILE C 207 21.06 6.98 -24.58
CA ILE C 207 21.81 6.21 -25.57
C ILE C 207 22.91 7.08 -26.19
N LYS C 208 22.64 8.36 -26.37
CA LYS C 208 23.65 9.25 -26.95
C LYS C 208 24.78 9.43 -25.93
N LEU C 209 24.40 9.60 -24.66
CA LEU C 209 25.38 9.75 -23.59
C LEU C 209 26.26 8.49 -23.55
N GLU C 210 25.64 7.32 -23.65
CA GLU C 210 26.39 6.07 -23.65
C GLU C 210 27.11 5.85 -24.98
N GLY C 211 26.82 6.68 -25.97
CA GLY C 211 27.46 6.54 -27.28
C GLY C 211 27.20 5.16 -27.87
N LYS C 212 26.06 4.57 -27.52
CA LYS C 212 25.68 3.25 -27.99
C LYS C 212 25.43 3.18 -29.49
N VAL C 213 25.06 4.32 -30.10
CA VAL C 213 24.79 4.36 -31.53
C VAL C 213 25.93 5.04 -32.27
N PRO C 214 26.57 4.33 -33.20
CA PRO C 214 27.69 4.84 -33.99
C PRO C 214 27.23 5.91 -34.98
N MET C 215 27.54 7.18 -34.69
CA MET C 215 27.11 8.25 -35.59
C MET C 215 27.62 8.01 -37.00
N HIS C 216 28.62 7.15 -37.13
CA HIS C 216 29.09 6.79 -38.46
C HIS C 216 27.96 6.11 -39.18
N LYS C 217 27.15 5.35 -38.43
CA LYS C 217 25.96 4.66 -38.93
C LYS C 217 26.16 3.33 -39.66
N LEU C 218 25.97 2.23 -38.96
CA LEU C 218 26.11 0.90 -39.56
C LEU C 218 24.74 0.23 -39.80
N PHE C 219 24.18 -0.34 -38.73
CA PHE C 219 22.88 -1.04 -38.71
C PHE C 219 21.73 -0.39 -39.51
N LEU C 220 22.04 0.82 -39.99
CA LEU C 220 21.21 1.70 -40.81
C LEU C 220 22.17 2.56 -41.60
N GLU C 221 22.38 2.16 -42.86
CA GLU C 221 23.29 2.80 -43.80
C GLU C 221 22.63 3.96 -44.56
N TYR D 3 -25.25 25.70 -12.77
CA TYR D 3 -25.25 24.62 -11.74
C TYR D 3 -25.07 23.22 -12.31
N ASN D 4 -24.23 22.43 -11.64
CA ASN D 4 -23.95 21.06 -12.03
C ASN D 4 -23.72 20.27 -10.76
N LYS D 5 -24.50 19.21 -10.56
CA LYS D 5 -24.37 18.40 -9.35
C LYS D 5 -22.96 17.93 -9.05
N ILE D 6 -22.35 17.25 -10.02
CA ILE D 6 -20.99 16.75 -9.86
C ILE D 6 -20.04 17.82 -9.35
N VAL D 7 -20.03 18.97 -10.02
CA VAL D 7 -19.14 20.06 -9.61
C VAL D 7 -19.43 20.54 -8.20
N SER D 8 -20.70 20.59 -7.82
CA SER D 8 -21.05 21.03 -6.46
C SER D 8 -20.46 20.06 -5.47
N HIS D 9 -20.51 18.77 -5.80
CA HIS D 9 -19.96 17.72 -4.95
C HIS D 9 -18.48 17.99 -4.74
N LEU D 10 -17.78 18.27 -5.83
CA LEU D 10 -16.35 18.51 -5.75
C LEU D 10 -16.01 19.77 -4.98
N LEU D 11 -16.84 20.81 -5.11
CA LEU D 11 -16.59 22.06 -4.41
C LEU D 11 -16.68 21.87 -2.90
N VAL D 12 -17.64 21.07 -2.47
CA VAL D 12 -17.83 20.79 -1.06
C VAL D 12 -16.71 19.92 -0.52
N ALA D 13 -16.18 19.05 -1.37
CA ALA D 13 -15.11 18.13 -0.99
C ALA D 13 -13.75 18.78 -0.82
N GLU D 14 -13.58 20.02 -1.25
CA GLU D 14 -12.30 20.70 -1.10
C GLU D 14 -11.79 20.60 0.32
N PRO D 15 -10.53 20.17 0.49
CA PRO D 15 -10.01 20.07 1.87
C PRO D 15 -9.62 21.44 2.42
N GLU D 16 -9.48 21.53 3.74
CA GLU D 16 -9.12 22.79 4.37
C GLU D 16 -7.65 23.10 4.11
N LYS D 17 -7.28 24.36 4.29
CA LYS D 17 -5.91 24.79 4.08
C LYS D 17 -4.94 23.97 4.92
N ILE D 18 -3.75 23.77 4.39
CA ILE D 18 -2.68 23.04 5.07
C ILE D 18 -1.45 23.96 5.05
N TYR D 19 -0.77 24.04 6.20
CA TYR D 19 0.40 24.91 6.35
C TYR D 19 1.73 24.19 6.38
N ALA D 20 2.76 24.85 5.87
CA ALA D 20 4.11 24.28 5.83
C ALA D 20 4.84 24.40 7.16
N MET D 21 4.48 25.40 7.95
CA MET D 21 5.09 25.62 9.26
C MET D 21 6.60 25.51 9.24
N PRO D 22 7.27 26.32 8.40
CA PRO D 22 8.73 26.25 8.33
C PRO D 22 9.33 26.59 9.69
N ASP D 23 10.39 25.91 10.06
CA ASP D 23 11.05 26.15 11.34
C ASP D 23 11.95 27.37 11.23
N PRO D 24 11.57 28.47 11.91
CA PRO D 24 12.31 29.74 11.92
C PRO D 24 13.69 29.60 12.54
N THR D 25 13.87 28.54 13.34
CA THR D 25 15.13 28.28 14.02
C THR D 25 16.18 27.57 13.16
N VAL D 26 15.76 27.03 12.03
CA VAL D 26 16.70 26.33 11.16
C VAL D 26 17.25 27.22 10.05
N PRO D 27 18.58 27.14 9.81
CA PRO D 27 19.28 27.92 8.79
C PRO D 27 18.72 27.68 7.39
N ASP D 28 18.22 28.73 6.76
CA ASP D 28 17.66 28.62 5.42
C ASP D 28 18.68 28.05 4.43
N SER D 29 18.36 26.89 3.88
CA SER D 29 19.22 26.21 2.92
C SER D 29 18.36 25.39 1.99
N ASP D 30 19.00 24.67 1.07
CA ASP D 30 18.26 23.82 0.16
C ASP D 30 17.71 22.65 0.96
N ILE D 31 18.44 22.23 1.98
CA ILE D 31 18.01 21.12 2.83
C ILE D 31 16.77 21.46 3.64
N LYS D 32 16.75 22.65 4.24
CA LYS D 32 15.60 23.05 5.04
C LYS D 32 14.37 23.19 4.14
N ALA D 33 14.58 23.80 2.97
CA ALA D 33 13.51 23.99 2.03
C ALA D 33 12.94 22.64 1.62
N LEU D 34 13.81 21.75 1.15
CA LEU D 34 13.38 20.43 0.72
C LEU D 34 12.73 19.64 1.84
N THR D 35 13.21 19.82 3.07
CA THR D 35 12.61 19.13 4.22
C THR D 35 11.20 19.64 4.44
N THR D 36 11.06 20.96 4.39
CA THR D 36 9.78 21.62 4.60
C THR D 36 8.76 21.22 3.53
N LEU D 37 9.21 21.11 2.29
CA LEU D 37 8.31 20.76 1.21
C LEU D 37 7.87 19.31 1.28
N CYS D 38 8.80 18.43 1.67
CA CYS D 38 8.52 17.01 1.77
C CYS D 38 7.50 16.76 2.86
N ASP D 39 7.69 17.39 4.02
CA ASP D 39 6.76 17.22 5.12
C ASP D 39 5.39 17.78 4.74
N LEU D 40 5.40 18.95 4.09
CA LEU D 40 4.15 19.55 3.67
C LEU D 40 3.42 18.58 2.73
N ALA D 41 4.15 18.04 1.76
CA ALA D 41 3.55 17.12 0.82
C ALA D 41 3.02 15.88 1.54
N ASP D 42 3.84 15.34 2.43
CA ASP D 42 3.45 14.15 3.18
C ASP D 42 2.09 14.38 3.86
N ARG D 43 1.91 15.56 4.45
CA ARG D 43 0.65 15.84 5.12
C ARG D 43 -0.47 16.15 4.15
N GLU D 44 -0.14 16.69 2.97
CA GLU D 44 -1.17 16.99 1.99
C GLU D 44 -1.68 15.69 1.41
N LEU D 45 -0.78 14.72 1.26
CA LEU D 45 -1.15 13.43 0.67
C LEU D 45 -2.17 12.62 1.48
N VAL D 46 -2.00 12.54 2.80
CA VAL D 46 -2.97 11.80 3.59
C VAL D 46 -4.33 12.47 3.41
N VAL D 47 -4.34 13.79 3.25
CA VAL D 47 -5.58 14.54 3.06
C VAL D 47 -6.15 14.27 1.66
N ILE D 48 -5.26 14.17 0.67
CA ILE D 48 -5.68 13.93 -0.70
C ILE D 48 -6.33 12.56 -0.83
N ILE D 49 -5.81 11.59 -0.09
CA ILE D 49 -6.37 10.24 -0.12
C ILE D 49 -7.81 10.31 0.37
N GLY D 50 -8.06 11.09 1.41
CA GLY D 50 -9.41 11.22 1.95
C GLY D 50 -10.30 11.96 0.97
N TRP D 51 -9.75 13.00 0.35
CA TRP D 51 -10.47 13.78 -0.63
C TRP D 51 -10.97 12.88 -1.76
N ALA D 52 -10.10 12.01 -2.27
CA ALA D 52 -10.45 11.12 -3.36
C ALA D 52 -11.73 10.30 -3.09
N LYS D 53 -11.91 9.86 -1.85
CA LYS D 53 -13.07 9.06 -1.47
C LYS D 53 -14.36 9.80 -1.73
N HIS D 54 -14.29 11.13 -1.80
CA HIS D 54 -15.49 11.94 -2.03
C HIS D 54 -15.80 12.22 -3.49
N ILE D 55 -14.94 11.76 -4.39
CA ILE D 55 -15.20 11.95 -5.82
C ILE D 55 -16.21 10.89 -6.22
N PRO D 56 -17.40 11.29 -6.69
CA PRO D 56 -18.45 10.35 -7.09
C PRO D 56 -17.91 9.16 -7.88
N GLY D 57 -18.19 7.96 -7.40
CA GLY D 57 -17.74 6.75 -8.08
C GLY D 57 -16.37 6.23 -7.71
N PHE D 58 -15.53 7.06 -7.10
CA PHE D 58 -14.18 6.62 -6.75
C PHE D 58 -14.17 5.53 -5.67
N SER D 59 -14.96 5.73 -4.62
CA SER D 59 -15.02 4.79 -3.50
C SER D 59 -15.54 3.42 -3.89
N THR D 60 -16.13 3.35 -5.06
CA THR D 60 -16.65 2.08 -5.51
C THR D 60 -15.57 1.25 -6.18
N LEU D 61 -14.50 1.85 -6.69
CA LEU D 61 -13.39 1.11 -7.27
C LEU D 61 -12.78 0.28 -6.14
N SER D 62 -12.09 -0.80 -6.50
CA SER D 62 -11.45 -1.62 -5.49
C SER D 62 -10.34 -0.79 -4.87
N LEU D 63 -9.95 -1.14 -3.65
CA LEU D 63 -8.91 -0.40 -2.96
C LEU D 63 -7.60 -0.45 -3.75
N ALA D 64 -7.39 -1.52 -4.52
CA ALA D 64 -6.17 -1.65 -5.32
C ALA D 64 -6.18 -0.67 -6.49
N ASP D 65 -7.35 -0.48 -7.10
CA ASP D 65 -7.49 0.43 -8.24
C ASP D 65 -7.41 1.88 -7.74
N GLN D 66 -7.97 2.11 -6.54
CA GLN D 66 -7.95 3.44 -5.95
C GLN D 66 -6.50 3.85 -5.74
N MET D 67 -5.71 2.93 -5.20
CA MET D 67 -4.30 3.22 -4.94
C MET D 67 -3.51 3.39 -6.23
N SER D 68 -3.83 2.59 -7.25
CA SER D 68 -3.11 2.70 -8.52
C SER D 68 -3.33 4.09 -9.12
N LEU D 69 -4.55 4.59 -9.10
CA LEU D 69 -4.80 5.93 -9.65
C LEU D 69 -4.03 6.98 -8.85
N LEU D 70 -4.12 6.88 -7.52
CA LEU D 70 -3.46 7.80 -6.63
C LEU D 70 -1.95 7.80 -6.81
N GLN D 71 -1.39 6.61 -7.03
CA GLN D 71 0.05 6.51 -7.21
C GLN D 71 0.52 7.10 -8.51
N SER D 72 -0.36 7.09 -9.51
CA SER D 72 -0.03 7.64 -10.81
C SER D 72 -0.28 9.14 -10.93
N ALA D 73 -1.18 9.66 -10.11
CA ALA D 73 -1.53 11.07 -10.22
C ALA D 73 -1.24 11.95 -8.99
N TRP D 74 -0.68 11.41 -7.93
CA TRP D 74 -0.45 12.26 -6.75
C TRP D 74 0.30 13.57 -6.97
N MET D 75 1.41 13.57 -7.70
CA MET D 75 2.13 14.84 -7.91
C MET D 75 1.31 15.81 -8.76
N GLU D 76 0.46 15.29 -9.64
CA GLU D 76 -0.38 16.13 -10.47
C GLU D 76 -1.41 16.87 -9.59
N ILE D 77 -1.92 16.16 -8.59
CA ILE D 77 -2.90 16.73 -7.67
C ILE D 77 -2.25 17.82 -6.81
N LEU D 78 -1.09 17.51 -6.24
CA LEU D 78 -0.37 18.48 -5.42
C LEU D 78 0.00 19.73 -6.26
N ILE D 79 0.58 19.52 -7.43
CA ILE D 79 0.99 20.62 -8.32
C ILE D 79 -0.17 21.51 -8.71
N LEU D 80 -1.28 20.90 -9.13
CA LEU D 80 -2.46 21.63 -9.51
C LEU D 80 -2.88 22.49 -8.34
N GLY D 81 -2.66 21.98 -7.12
CA GLY D 81 -2.99 22.71 -5.92
C GLY D 81 -2.13 23.96 -5.81
N VAL D 82 -0.81 23.80 -5.92
CA VAL D 82 0.09 24.94 -5.86
C VAL D 82 -0.28 25.96 -6.94
N VAL D 83 -0.51 25.47 -8.15
CA VAL D 83 -0.88 26.33 -9.27
C VAL D 83 -2.10 27.18 -8.92
N TYR D 84 -3.19 26.54 -8.52
CA TYR D 84 -4.40 27.28 -8.18
C TYR D 84 -4.16 28.37 -7.13
N ARG D 85 -3.37 28.07 -6.11
CA ARG D 85 -3.10 29.04 -5.06
C ARG D 85 -2.23 30.21 -5.51
N SER D 86 -1.47 29.99 -6.58
CA SER D 86 -0.56 31.00 -7.09
C SER D 86 -1.15 31.90 -8.18
N LEU D 87 -2.39 31.64 -8.57
CA LEU D 87 -3.02 32.43 -9.63
C LEU D 87 -3.09 33.93 -9.36
N SER D 88 -3.24 34.32 -8.11
CA SER D 88 -3.32 35.74 -7.79
C SER D 88 -1.99 36.24 -7.27
N PHE D 89 -0.93 35.66 -7.80
CA PHE D 89 0.43 36.04 -7.44
C PHE D 89 1.20 36.14 -8.73
N GLU D 90 2.40 36.72 -8.67
CA GLU D 90 3.21 36.86 -9.87
C GLU D 90 4.63 36.40 -9.62
N ASP D 91 5.06 35.42 -10.41
CA ASP D 91 6.40 34.87 -10.29
C ASP D 91 6.64 34.30 -8.91
N GLU D 92 5.55 33.95 -8.23
CA GLU D 92 5.63 33.36 -6.89
C GLU D 92 4.76 32.11 -6.78
N LEU D 93 5.22 31.13 -6.04
CA LEU D 93 4.46 29.91 -5.85
C LEU D 93 4.01 29.74 -4.42
N VAL D 94 2.69 29.68 -4.24
CA VAL D 94 2.08 29.52 -2.93
C VAL D 94 1.94 28.02 -2.58
N TYR D 95 3.01 27.44 -2.06
CA TYR D 95 3.01 26.04 -1.67
C TYR D 95 2.11 25.92 -0.44
N ALA D 96 2.02 27.00 0.32
CA ALA D 96 1.20 27.09 1.52
C ALA D 96 1.12 28.57 1.85
N ASP D 97 0.04 29.02 2.48
CA ASP D 97 -0.09 30.44 2.82
C ASP D 97 1.13 30.94 3.58
N ASP D 98 1.74 30.05 4.36
CA ASP D 98 2.92 30.40 5.15
C ASP D 98 4.20 29.93 4.48
N TYR D 99 4.15 29.65 3.18
CA TYR D 99 5.34 29.22 2.47
C TYR D 99 5.25 29.53 0.98
N ILE D 100 5.47 30.80 0.67
CA ILE D 100 5.42 31.29 -0.70
C ILE D 100 6.85 31.45 -1.18
N MET D 101 7.17 30.83 -2.30
CA MET D 101 8.52 30.90 -2.83
C MET D 101 8.67 31.80 -4.04
N ASP D 102 9.64 32.72 -3.96
CA ASP D 102 9.93 33.62 -5.07
C ASP D 102 11.21 33.12 -5.72
N GLU D 103 11.65 33.78 -6.78
CA GLU D 103 12.87 33.37 -7.48
C GLU D 103 14.07 33.12 -6.58
N ASP D 104 14.30 34.01 -5.61
CA ASP D 104 15.46 33.85 -4.72
C ASP D 104 15.40 32.60 -3.85
N GLN D 105 14.27 32.36 -3.21
CA GLN D 105 14.15 31.17 -2.37
C GLN D 105 14.28 29.93 -3.23
N SER D 106 13.71 29.97 -4.43
CA SER D 106 13.78 28.84 -5.34
C SER D 106 15.23 28.57 -5.73
N LYS D 107 15.98 29.64 -5.98
CA LYS D 107 17.38 29.50 -6.34
C LYS D 107 18.19 29.04 -5.14
N LEU D 108 17.73 29.38 -3.95
CA LEU D 108 18.41 29.00 -2.72
C LEU D 108 18.08 27.56 -2.36
N ALA D 109 17.00 27.05 -2.94
CA ALA D 109 16.56 25.69 -2.69
C ALA D 109 16.90 24.77 -3.84
N GLY D 110 17.53 25.34 -4.87
CA GLY D 110 17.90 24.55 -6.03
C GLY D 110 16.69 24.06 -6.79
N LEU D 111 15.58 24.81 -6.67
CA LEU D 111 14.32 24.45 -7.31
C LEU D 111 13.90 25.48 -8.35
N LEU D 112 14.82 26.36 -8.74
CA LEU D 112 14.51 27.41 -9.70
C LEU D 112 13.95 26.86 -11.00
N ASP D 113 14.63 25.88 -11.57
CA ASP D 113 14.20 25.27 -12.82
C ASP D 113 12.84 24.60 -12.70
N LEU D 114 12.63 23.89 -11.61
CA LEU D 114 11.37 23.20 -11.40
C LEU D 114 10.25 24.21 -11.17
N ASN D 115 10.51 25.18 -10.30
CA ASN D 115 9.48 26.18 -10.01
C ASN D 115 9.13 27.04 -11.22
N ASN D 116 10.09 27.28 -12.11
CA ASN D 116 9.80 28.06 -13.29
C ASN D 116 8.86 27.28 -14.19
N ALA D 117 9.05 25.96 -14.20
CA ALA D 117 8.20 25.09 -15.01
C ALA D 117 6.77 25.15 -14.48
N ILE D 118 6.64 25.12 -13.15
CA ILE D 118 5.33 25.19 -12.52
C ILE D 118 4.69 26.55 -12.81
N LEU D 119 5.50 27.61 -12.82
CA LEU D 119 4.99 28.95 -13.10
C LEU D 119 4.41 29.03 -14.51
N GLN D 120 5.00 28.28 -15.44
CA GLN D 120 4.49 28.27 -16.80
C GLN D 120 3.08 27.70 -16.83
N LEU D 121 2.81 26.78 -15.92
CA LEU D 121 1.49 26.16 -15.83
C LEU D 121 0.53 27.20 -15.26
N VAL D 122 1.05 28.00 -14.32
CA VAL D 122 0.28 29.05 -13.68
C VAL D 122 -0.12 30.14 -14.70
N LYS D 123 0.83 30.53 -15.54
CA LYS D 123 0.58 31.56 -16.54
C LYS D 123 -0.57 31.15 -17.46
N LYS D 124 -0.55 29.90 -17.92
CA LYS D 124 -1.58 29.39 -18.81
C LYS D 124 -2.98 29.49 -18.17
N TYR D 125 -3.12 29.03 -16.94
CA TYR D 125 -4.41 29.08 -16.26
C TYR D 125 -4.85 30.51 -15.96
N LYS D 126 -3.90 31.38 -15.62
CA LYS D 126 -4.22 32.78 -15.35
C LYS D 126 -4.84 33.41 -16.59
N SER D 127 -4.28 33.14 -17.76
CA SER D 127 -4.78 33.69 -19.01
C SER D 127 -6.19 33.20 -19.32
N MET D 128 -6.54 32.03 -18.80
CA MET D 128 -7.87 31.49 -19.03
C MET D 128 -8.82 31.88 -17.91
N LYS D 129 -8.27 32.55 -16.89
CA LYS D 129 -9.05 32.96 -15.74
C LYS D 129 -9.71 31.73 -15.12
N LEU D 130 -8.90 30.71 -14.85
CA LEU D 130 -9.36 29.46 -14.27
C LEU D 130 -10.23 29.71 -13.04
N GLU D 131 -11.40 29.10 -13.01
CA GLU D 131 -12.32 29.24 -11.88
C GLU D 131 -12.22 28.03 -10.95
N LYS D 132 -12.65 28.19 -9.70
CA LYS D 132 -12.59 27.12 -8.73
C LYS D 132 -13.37 25.89 -9.19
N GLU D 133 -14.52 26.12 -9.83
CA GLU D 133 -15.34 25.02 -10.33
C GLU D 133 -14.53 24.17 -11.31
N GLU D 134 -13.81 24.84 -12.21
CA GLU D 134 -13.00 24.17 -13.21
C GLU D 134 -11.79 23.49 -12.54
N PHE D 135 -11.22 24.17 -11.54
CA PHE D 135 -10.08 23.65 -10.79
C PHE D 135 -10.38 22.29 -10.16
N VAL D 136 -11.42 22.21 -9.35
CA VAL D 136 -11.74 20.94 -8.70
C VAL D 136 -12.11 19.88 -9.72
N THR D 137 -12.79 20.26 -10.80
CA THR D 137 -13.16 19.27 -11.80
C THR D 137 -11.92 18.71 -12.51
N LEU D 138 -10.88 19.54 -12.65
CA LEU D 138 -9.64 19.11 -13.31
C LEU D 138 -8.80 18.22 -12.42
N LYS D 139 -8.82 18.48 -11.10
CA LYS D 139 -8.07 17.64 -10.18
C LYS D 139 -8.63 16.24 -10.25
N ALA D 140 -9.95 16.15 -10.26
CA ALA D 140 -10.64 14.85 -10.31
C ALA D 140 -10.35 14.16 -11.63
N ILE D 141 -10.48 14.89 -12.73
CA ILE D 141 -10.21 14.32 -14.04
C ILE D 141 -8.76 13.86 -14.09
N ALA D 142 -7.85 14.62 -13.47
CA ALA D 142 -6.44 14.25 -13.47
C ALA D 142 -6.26 12.91 -12.79
N LEU D 143 -6.91 12.73 -11.64
CA LEU D 143 -6.80 11.47 -10.91
C LEU D 143 -7.34 10.32 -11.77
N ALA D 144 -8.57 10.49 -12.27
CA ALA D 144 -9.23 9.48 -13.09
C ALA D 144 -8.54 9.18 -14.42
N ASN D 145 -7.85 10.17 -14.98
CA ASN D 145 -7.17 10.03 -16.26
C ASN D 145 -5.65 9.91 -16.08
N SER D 146 -5.22 9.40 -14.93
CA SER D 146 -3.80 9.29 -14.63
C SER D 146 -3.00 8.26 -15.44
N ASP D 147 -3.71 7.40 -16.19
CA ASP D 147 -3.08 6.37 -17.02
C ASP D 147 -2.20 5.33 -16.32
N SER D 148 -2.62 4.87 -15.14
CA SER D 148 -1.86 3.84 -14.45
C SER D 148 -1.92 2.57 -15.29
N MET D 149 -0.86 1.78 -15.30
CA MET D 149 -0.86 0.55 -16.09
C MET D 149 -1.35 -0.66 -15.27
N HIS D 150 -1.75 -0.43 -14.03
CA HIS D 150 -2.19 -1.53 -13.17
C HIS D 150 -3.67 -1.60 -12.85
N ILE D 151 -4.51 -0.97 -13.66
CA ILE D 151 -5.95 -0.98 -13.40
C ILE D 151 -6.65 -2.32 -13.63
N GLU D 152 -7.46 -2.73 -12.66
CA GLU D 152 -8.21 -3.98 -12.74
C GLU D 152 -9.49 -3.77 -13.53
N ASP D 153 -10.33 -2.86 -13.05
CA ASP D 153 -11.59 -2.55 -13.72
C ASP D 153 -11.42 -1.37 -14.67
N VAL D 154 -10.89 -1.63 -15.85
CA VAL D 154 -10.68 -0.57 -16.82
C VAL D 154 -11.99 0.13 -17.17
N GLU D 155 -13.06 -0.64 -17.34
CA GLU D 155 -14.36 -0.07 -17.70
C GLU D 155 -14.87 0.92 -16.65
N ALA D 156 -14.75 0.57 -15.38
CA ALA D 156 -15.22 1.45 -14.32
C ALA D 156 -14.42 2.75 -14.24
N VAL D 157 -13.11 2.68 -14.49
CA VAL D 157 -12.29 3.88 -14.46
C VAL D 157 -12.64 4.76 -15.66
N GLN D 158 -12.95 4.12 -16.79
CA GLN D 158 -13.35 4.84 -18.00
C GLN D 158 -14.68 5.56 -17.71
N LYS D 159 -15.57 4.85 -17.02
CA LYS D 159 -16.87 5.40 -16.65
C LYS D 159 -16.67 6.59 -15.72
N LEU D 160 -15.72 6.47 -14.80
CA LEU D 160 -15.41 7.55 -13.87
C LEU D 160 -14.93 8.77 -14.65
N GLN D 161 -14.15 8.53 -15.70
CA GLN D 161 -13.63 9.60 -16.55
C GLN D 161 -14.76 10.30 -17.29
N ASP D 162 -15.63 9.51 -17.92
CA ASP D 162 -16.75 10.06 -18.69
C ASP D 162 -17.66 10.91 -17.81
N VAL D 163 -17.87 10.46 -16.58
CA VAL D 163 -18.72 11.18 -15.64
C VAL D 163 -18.14 12.56 -15.34
N LEU D 164 -16.85 12.59 -15.02
CA LEU D 164 -16.18 13.84 -14.70
C LEU D 164 -16.04 14.72 -15.94
N HIS D 165 -15.82 14.09 -17.08
CA HIS D 165 -15.68 14.82 -18.34
C HIS D 165 -17.04 15.46 -18.66
N GLU D 166 -18.11 14.67 -18.58
CA GLU D 166 -19.46 15.17 -18.83
C GLU D 166 -19.74 16.37 -17.94
N ALA D 167 -19.36 16.27 -16.67
CA ALA D 167 -19.58 17.36 -15.73
C ALA D 167 -18.86 18.62 -16.21
N LEU D 168 -17.63 18.47 -16.69
CA LEU D 168 -16.87 19.60 -17.18
C LEU D 168 -17.56 20.18 -18.42
N GLN D 169 -17.93 19.29 -19.34
CA GLN D 169 -18.57 19.70 -20.59
C GLN D 169 -19.82 20.55 -20.40
N ASP D 170 -20.77 20.08 -19.60
CA ASP D 170 -21.99 20.86 -19.42
C ASP D 170 -21.84 22.08 -18.51
N TYR D 171 -20.85 22.06 -17.61
CA TYR D 171 -20.63 23.22 -16.76
C TYR D 171 -20.21 24.38 -17.66
N GLU D 172 -19.30 24.09 -18.59
CA GLU D 172 -18.80 25.09 -19.52
C GLU D 172 -19.92 25.54 -20.46
N ALA D 173 -20.77 24.61 -20.85
CA ALA D 173 -21.88 24.89 -21.75
C ALA D 173 -22.83 25.91 -21.15
N GLY D 174 -22.94 25.91 -19.82
CA GLY D 174 -23.85 26.84 -19.17
C GLY D 174 -23.20 28.08 -18.59
N GLN D 175 -21.95 27.95 -18.16
CA GLN D 175 -21.24 29.06 -17.56
C GLN D 175 -20.42 29.86 -18.55
N HIS D 176 -20.07 29.26 -19.67
CA HIS D 176 -19.25 29.94 -20.68
C HIS D 176 -19.73 29.72 -22.10
N MET D 177 -20.98 30.10 -22.37
CA MET D 177 -21.55 29.96 -23.71
C MET D 177 -20.74 30.73 -24.75
N GLU D 178 -20.10 31.82 -24.34
CA GLU D 178 -19.30 32.63 -25.27
C GLU D 178 -18.13 31.86 -25.87
N ASP D 179 -17.61 30.90 -25.12
CA ASP D 179 -16.48 30.09 -25.58
C ASP D 179 -16.88 28.61 -25.56
N PRO D 180 -17.50 28.14 -26.65
CA PRO D 180 -17.94 26.75 -26.79
C PRO D 180 -16.75 25.82 -26.90
N ARG D 181 -15.56 26.38 -26.70
CA ARG D 181 -14.34 25.60 -26.80
C ARG D 181 -13.58 25.55 -25.47
N ARG D 182 -14.11 26.21 -24.46
CA ARG D 182 -13.44 26.24 -23.16
C ARG D 182 -13.19 24.88 -22.52
N ALA D 183 -14.15 23.97 -22.62
CA ALA D 183 -13.98 22.64 -22.03
C ALA D 183 -12.74 21.96 -22.63
N GLY D 184 -12.70 21.93 -23.97
CA GLY D 184 -11.58 21.33 -24.67
C GLY D 184 -10.26 22.01 -24.36
N LYS D 185 -10.28 23.33 -24.19
CA LYS D 185 -9.08 24.07 -23.88
C LYS D 185 -8.57 23.65 -22.50
N MET D 186 -9.49 23.46 -21.55
CA MET D 186 -9.11 23.03 -20.22
C MET D 186 -8.42 21.68 -20.29
N LEU D 187 -8.98 20.76 -21.07
CA LEU D 187 -8.40 19.43 -21.22
C LEU D 187 -7.00 19.49 -21.87
N MET D 188 -6.80 20.45 -22.76
CA MET D 188 -5.52 20.59 -23.45
C MET D 188 -4.40 21.11 -22.54
N THR D 189 -4.74 21.46 -21.30
CA THR D 189 -3.74 21.93 -20.35
C THR D 189 -3.20 20.75 -19.54
N LEU D 190 -3.87 19.61 -19.67
CA LEU D 190 -3.48 18.43 -18.92
C LEU D 190 -2.11 17.84 -19.27
N PRO D 191 -1.69 17.92 -20.55
CA PRO D 191 -0.38 17.37 -20.92
C PRO D 191 0.74 18.08 -20.16
N LEU D 192 0.65 19.40 -20.08
CA LEU D 192 1.67 20.18 -19.39
C LEU D 192 1.65 19.86 -17.89
N LEU D 193 0.45 19.61 -17.33
CA LEU D 193 0.33 19.26 -15.92
C LEU D 193 1.11 17.97 -15.69
N ARG D 194 0.86 16.99 -16.56
CA ARG D 194 1.51 15.69 -16.54
C ARG D 194 3.03 15.87 -16.68
N GLN D 195 3.43 16.67 -17.66
CA GLN D 195 4.84 16.95 -17.92
C GLN D 195 5.56 17.56 -16.71
N THR D 196 4.94 18.56 -16.10
CA THR D 196 5.54 19.23 -14.96
C THR D 196 5.62 18.36 -13.71
N SER D 197 4.64 17.46 -13.54
CA SER D 197 4.61 16.58 -12.39
C SER D 197 5.72 15.53 -12.45
N THR D 198 5.96 15.00 -13.64
CA THR D 198 7.01 14.01 -13.87
C THR D 198 8.36 14.67 -13.57
N LYS D 199 8.48 15.94 -13.91
CA LYS D 199 9.70 16.69 -13.67
C LYS D 199 9.92 16.86 -12.16
N ALA D 200 8.83 17.13 -11.45
CA ALA D 200 8.89 17.30 -10.01
C ALA D 200 9.25 15.97 -9.31
N VAL D 201 8.63 14.89 -9.76
CA VAL D 201 8.90 13.57 -9.17
C VAL D 201 10.34 13.12 -9.43
N GLN D 202 10.85 13.42 -10.62
CA GLN D 202 12.23 13.04 -10.95
C GLN D 202 13.22 13.86 -10.14
N HIS D 203 12.90 15.13 -9.93
CA HIS D 203 13.76 16.01 -9.14
C HIS D 203 13.81 15.45 -7.71
N PHE D 204 12.64 15.06 -7.22
CA PHE D 204 12.48 14.50 -5.89
C PHE D 204 13.34 13.24 -5.73
N TYR D 205 13.20 12.30 -6.65
CA TYR D 205 13.95 11.06 -6.59
C TYR D 205 15.46 11.30 -6.66
N ASN D 206 15.88 12.39 -7.31
CA ASN D 206 17.30 12.71 -7.40
C ASN D 206 17.78 13.22 -6.06
N ILE D 207 16.91 13.97 -5.38
CA ILE D 207 17.23 14.52 -4.08
C ILE D 207 17.23 13.40 -3.04
N LYS D 208 16.39 12.41 -3.25
CA LYS D 208 16.29 11.28 -2.32
C LYS D 208 17.56 10.45 -2.40
N LEU D 209 18.11 10.31 -3.60
CA LEU D 209 19.33 9.54 -3.79
C LEU D 209 20.52 10.18 -3.09
N GLU D 210 20.48 11.50 -2.94
CA GLU D 210 21.58 12.22 -2.30
C GLU D 210 21.38 12.29 -0.80
N GLY D 211 20.36 11.59 -0.30
CA GLY D 211 20.09 11.58 1.12
C GLY D 211 19.62 12.90 1.70
N LYS D 212 19.04 13.77 0.88
CA LYS D 212 18.55 15.07 1.36
C LYS D 212 17.06 15.04 1.71
N VAL D 213 16.46 13.85 1.72
CA VAL D 213 15.05 13.70 2.03
C VAL D 213 14.85 13.19 3.45
N PRO D 214 14.03 13.89 4.25
CA PRO D 214 13.80 13.44 5.62
C PRO D 214 13.27 12.02 5.56
N MET D 215 13.74 11.21 6.49
CA MET D 215 13.32 9.83 6.49
C MET D 215 11.88 9.68 6.98
N HIS D 216 11.37 8.48 6.66
CA HIS D 216 10.06 7.97 6.98
C HIS D 216 8.87 8.84 6.69
N LYS D 217 8.83 9.50 5.55
CA LYS D 217 7.59 10.19 5.28
C LYS D 217 6.64 9.11 4.77
N LEU D 218 5.86 8.58 5.67
CA LEU D 218 4.96 7.44 5.36
C LEU D 218 3.96 7.63 4.19
N PHE D 219 3.39 8.81 3.99
CA PHE D 219 2.41 8.93 2.89
C PHE D 219 3.08 9.12 1.51
N LEU D 220 4.21 9.82 1.49
CA LEU D 220 4.94 9.99 0.24
C LEU D 220 5.41 8.61 -0.19
N GLU D 221 5.83 7.81 0.79
CA GLU D 221 6.32 6.47 0.55
C GLU D 221 5.19 5.56 0.06
N MET D 222 4.02 5.73 0.66
CA MET D 222 2.88 4.92 0.30
C MET D 222 2.47 5.16 -1.16
N LEU D 223 2.54 6.40 -1.63
CA LEU D 223 2.11 6.69 -2.99
C LEU D 223 3.17 6.52 -4.07
N GLU D 224 4.28 5.88 -3.72
CA GLU D 224 5.31 5.71 -4.72
C GLU D 224 5.04 4.53 -5.66
N ALA D 225 5.73 4.56 -6.80
CA ALA D 225 5.64 3.57 -7.88
C ALA D 225 6.18 2.18 -7.49
N LYS D 226 6.33 1.93 -6.19
CA LYS D 226 6.86 0.65 -5.69
C LYS D 226 6.05 -0.57 -6.11
N VAL D 227 6.75 -1.57 -6.61
CA VAL D 227 6.18 -2.86 -7.08
C VAL D 227 6.03 -3.82 -5.89
#